data_4WWN
#
_entry.id   4WWN
#
_cell.length_a   143.873
_cell.length_b   68.213
_cell.length_c   106.690
_cell.angle_alpha   90.000
_cell.angle_beta   94.810
_cell.angle_gamma   90.000
#
_symmetry.space_group_name_H-M   'C 1 2 1'
#
loop_
_entity.id
_entity.type
_entity.pdbx_description
1 polymer 'Phosphatidylinositol 4,5-bisphosphate 3-kinase catalytic subunit gamma isoform'
2 non-polymer 'SULFATE ION'
3 non-polymer N-{(1S)-1-[7-fluoro-2-(pyridin-2-yl)quinolin-3-yl]ethyl}-9H-purin-6-amine
4 water water
#
_entity_poly.entity_id   1
_entity_poly.type   'polypeptide(L)'
_entity_poly.pdbx_seq_one_letter_code
;SEESQAFQRQLTALIGYDVTDVSNVHDDELEFTRRGLVTPRMAEVASRDPKLYAMHPWVTSKPLPEYLWKKIANNCIFIV
IHRSTTSQTIKVSPDDTPGAILQSFFTKMAKKKSLMDIPESQSEQDFVLRVCGRDEYLVGETPIKNFQWVRHCLKNGEEI
HVVLDTPPDPALDEVRKEEWPLVDDCTGVTGYHEQLTIHGKDHESVFTVSLWDCDRKFRVKIRGIDIPVLPRNTDLTVFV
EANIQHGQQVLCQRRTSPKPFTEEVLWNVWLEFSIKIKDLPKGALLNLQIYCGKAPALSSKASAESPSSESKGKVQLLYY
VNLLLIDHRFLLRRGEYVLHMWQISGKGEDQGSFNADKLTSATNPDKENSMSISILLDNYCHPIALPKHQPTPDPEGDRV
RAEMPNQLRKQLEAIIATDPLNPLTAEDKELLWHFRYESLKHPKAYPKLFSSVKWGQQEIVAKTYQLLARREVWDQSALD
VGLTMQLLDCNFSDENVRAIAVQKLESLEDDDVLHYLLQLVQAVKFEPYHDSALARFLLKRGLRNKRIGHFLFWFLRSEI
AQSRHYQQRFAVILEAYLRGCGTAMLHDFTQQVQVIEMLQKVTLDIKSLSAEKYDVSSQVISQLKQKLENLQNSQLPESF
RVPYDPGLKAGALAIEKCKVMASKKKPLWLEFKCADPTALSNETIGIIFKHGDDLRQDMLILQILRIMESIWETESLDLC
LLPYGCISTGDKIGMIEIVKDATTIAKIQQSTVGNTGAFKDEVLNHWLKEKSPTEEKFQAAVERFVYSCAGYCVATFVLG
IGDRHNDNIMITETGNLFHIDFGHILGNYKSFLGINKERVPFVLTPDFLFVMGTSGKKTSPHFQKFQDICVKAYLALRHH
TNLLIILFSMMLMTGMPQLTSKEDIEYIRDALTVGKNEEDAKKYFLDQIEVCRDKGWTVQFNWFLHLVLGIKQGEKHSA
;
_entity_poly.pdbx_strand_id   A
#
loop_
_chem_comp.id
_chem_comp.type
_chem_comp.name
_chem_comp.formula
3VC non-polymer N-{(1S)-1-[7-fluoro-2-(pyridin-2-yl)quinolin-3-yl]ethyl}-9H-purin-6-amine 'C21 H16 F N7'
SO4 non-polymer 'SULFATE ION' 'O4 S -2'
#
# COMPACT_ATOMS: atom_id res chain seq x y z
N SER A 1 -26.88 24.37 7.52
CA SER A 1 -26.55 24.70 8.95
C SER A 1 -27.20 23.69 9.88
N GLU A 2 -28.52 23.57 9.79
CA GLU A 2 -29.28 22.65 10.66
C GLU A 2 -28.73 21.23 10.52
N GLU A 3 -28.62 20.76 9.27
CA GLU A 3 -28.08 19.43 8.96
C GLU A 3 -26.57 19.47 8.79
N SER A 4 -26.05 20.55 8.19
CA SER A 4 -24.62 20.67 7.85
C SER A 4 -23.65 20.46 9.02
N GLN A 5 -24.09 20.84 10.22
CA GLN A 5 -23.25 20.77 11.41
C GLN A 5 -23.23 19.36 12.04
N ALA A 6 -24.41 18.74 12.17
CA ALA A 6 -24.47 17.33 12.59
C ALA A 6 -23.85 16.38 11.55
N PHE A 7 -23.93 16.76 10.27
CA PHE A 7 -23.38 15.98 9.18
C PHE A 7 -21.85 16.05 9.16
N GLN A 8 -21.32 17.27 9.32
CA GLN A 8 -19.87 17.47 9.38
C GLN A 8 -19.29 16.80 10.62
N ARG A 9 -20.09 16.67 11.66
CA ARG A 9 -19.68 15.92 12.85
C ARG A 9 -19.71 14.42 12.59
N GLN A 10 -20.69 13.97 11.81
CA GLN A 10 -20.71 12.60 11.32
C GLN A 10 -19.41 12.33 10.54
N LEU A 11 -19.02 13.30 9.72
CA LEU A 11 -17.80 13.22 8.93
C LEU A 11 -16.53 13.26 9.78
N THR A 12 -16.51 14.08 10.83
CA THR A 12 -15.34 14.17 11.69
C THR A 12 -15.10 12.85 12.39
N ALA A 13 -16.17 12.21 12.84
CA ALA A 13 -16.09 10.95 13.56
C ALA A 13 -15.64 9.83 12.64
N LEU A 14 -16.21 9.79 11.43
CA LEU A 14 -15.84 8.81 10.42
C LEU A 14 -14.39 8.96 9.99
N ILE A 15 -13.95 10.20 9.79
CA ILE A 15 -12.56 10.52 9.39
C ILE A 15 -11.60 10.38 10.57
N GLY A 16 -12.02 10.88 11.73
CA GLY A 16 -11.17 10.91 12.91
C GLY A 16 -10.13 12.01 12.83
N TYR A 17 -10.52 13.12 12.19
CA TYR A 17 -9.76 14.37 12.16
C TYR A 17 -10.67 15.49 11.63
N ASP A 18 -10.71 16.63 12.31
CA ASP A 18 -11.56 17.75 11.91
C ASP A 18 -10.94 18.51 10.72
N VAL A 19 -11.49 18.23 9.54
CA VAL A 19 -11.08 18.86 8.28
C VAL A 19 -11.34 20.39 8.26
N THR A 20 -12.28 20.85 9.08
CA THR A 20 -12.59 22.27 9.20
C THR A 20 -11.84 22.89 10.38
N ASP A 21 -10.59 22.48 10.57
CA ASP A 21 -9.79 22.99 11.68
C ASP A 21 -8.60 23.74 11.13
N VAL A 22 -8.42 24.96 11.62
CA VAL A 22 -7.36 25.86 11.15
C VAL A 22 -6.34 26.17 12.25
N SER A 23 -6.30 25.32 13.27
CA SER A 23 -5.31 25.42 14.35
C SER A 23 -3.89 25.29 13.83
N ASN A 24 -3.72 24.48 12.77
CA ASN A 24 -2.39 24.15 12.26
C ASN A 24 -2.25 24.32 10.74
N VAL A 25 -2.28 25.58 10.32
CA VAL A 25 -2.11 25.94 8.92
C VAL A 25 -1.54 27.35 8.88
N HIS A 26 -0.92 27.71 7.76
CA HIS A 26 -0.43 29.07 7.52
C HIS A 26 -0.94 29.63 6.21
N ASP A 27 -1.83 28.91 5.54
CA ASP A 27 -2.46 29.34 4.30
C ASP A 27 -3.81 28.65 4.25
N ASP A 28 -4.54 28.83 3.15
CA ASP A 28 -5.84 28.19 3.03
C ASP A 28 -5.88 27.04 2.02
N GLU A 29 -4.74 26.40 1.76
CA GLU A 29 -4.68 25.35 0.73
C GLU A 29 -5.65 24.23 1.01
N LEU A 30 -5.67 23.77 2.26
CA LEU A 30 -6.54 22.66 2.62
C LEU A 30 -7.97 22.99 2.27
N GLU A 31 -8.38 24.21 2.62
CA GLU A 31 -9.76 24.64 2.40
C GLU A 31 -10.03 24.81 0.92
N PHE A 32 -9.02 25.31 0.22
CA PHE A 32 -9.09 25.49 -1.22
C PHE A 32 -9.33 24.14 -1.88
N THR A 33 -8.72 23.10 -1.32
CA THR A 33 -8.85 21.73 -1.84
C THR A 33 -10.21 21.07 -1.51
N ARG A 34 -10.78 21.41 -0.36
CA ARG A 34 -12.11 20.96 -0.05
C ARG A 34 -13.07 21.43 -1.14
N ARG A 35 -13.06 22.76 -1.35
CA ARG A 35 -13.85 23.42 -2.39
C ARG A 35 -13.55 22.87 -3.78
N GLY A 36 -12.28 22.64 -4.07
CA GLY A 36 -11.86 22.16 -5.38
C GLY A 36 -12.26 20.74 -5.72
N LEU A 37 -12.29 19.84 -4.73
CA LEU A 37 -12.67 18.45 -5.01
C LEU A 37 -14.19 18.24 -5.24
N VAL A 38 -14.95 19.33 -5.16
CA VAL A 38 -16.40 19.23 -5.27
C VAL A 38 -16.82 18.87 -6.68
N THR A 39 -16.17 19.49 -7.66
CA THR A 39 -16.49 19.26 -9.08
C THR A 39 -16.31 17.80 -9.51
N PRO A 40 -15.11 17.23 -9.29
CA PRO A 40 -14.90 15.85 -9.71
C PRO A 40 -15.72 14.84 -8.89
N ARG A 41 -16.01 15.17 -7.64
CA ARG A 41 -16.99 14.41 -6.87
C ARG A 41 -18.35 14.40 -7.55
N MET A 42 -18.85 15.59 -7.83
CA MET A 42 -20.18 15.73 -8.39
C MET A 42 -20.30 15.12 -9.78
N ALA A 43 -19.22 15.17 -10.56
CA ALA A 43 -19.18 14.57 -11.89
C ALA A 43 -19.30 13.05 -11.79
N GLU A 44 -18.47 12.45 -10.96
CA GLU A 44 -18.46 11.01 -10.79
C GLU A 44 -19.77 10.49 -10.23
N VAL A 45 -20.32 11.23 -9.26
CA VAL A 45 -21.64 10.92 -8.71
C VAL A 45 -22.72 11.05 -9.80
N ALA A 46 -22.64 12.10 -10.60
CA ALA A 46 -23.62 12.32 -11.65
C ALA A 46 -23.58 11.19 -12.68
N SER A 47 -22.38 10.73 -13.05
CA SER A 47 -22.26 9.80 -14.17
C SER A 47 -22.27 8.32 -13.80
N ARG A 48 -22.29 7.98 -12.51
CA ARG A 48 -22.25 6.57 -12.11
C ARG A 48 -23.61 5.89 -12.24
N ASP A 49 -23.61 4.64 -12.70
CA ASP A 49 -24.82 3.87 -12.96
C ASP A 49 -25.38 3.36 -11.64
N PRO A 50 -26.57 3.86 -11.24
CA PRO A 50 -27.08 3.49 -9.90
C PRO A 50 -27.15 1.98 -9.65
N LYS A 51 -27.55 1.24 -10.67
CA LYS A 51 -27.77 -0.21 -10.55
C LYS A 51 -26.43 -0.93 -10.33
N LEU A 52 -25.48 -0.74 -11.25
CA LEU A 52 -24.17 -1.38 -11.14
C LEU A 52 -23.38 -0.86 -9.91
N TYR A 53 -23.70 0.35 -9.46
CA TYR A 53 -23.07 0.90 -8.29
C TYR A 53 -23.47 0.12 -7.05
N ALA A 54 -24.78 -0.03 -6.86
CA ALA A 54 -25.34 -0.68 -5.67
C ALA A 54 -24.95 -2.14 -5.53
N MET A 55 -24.69 -2.80 -6.65
CA MET A 55 -24.36 -4.22 -6.66
C MET A 55 -22.86 -4.47 -6.89
N HIS A 56 -22.14 -3.47 -7.39
CA HIS A 56 -20.69 -3.54 -7.57
C HIS A 56 -20.22 -4.90 -8.01
N PRO A 57 -20.60 -5.31 -9.23
CA PRO A 57 -20.00 -6.57 -9.72
C PRO A 57 -18.47 -6.49 -9.74
N TRP A 58 -17.80 -7.45 -9.12
CA TRP A 58 -16.35 -7.48 -9.03
C TRP A 58 -15.88 -8.38 -10.11
N VAL A 59 -15.56 -7.79 -11.26
CA VAL A 59 -15.16 -8.55 -12.46
C VAL A 59 -13.76 -8.13 -12.94
N THR A 60 -13.17 -9.00 -13.76
CA THR A 60 -11.92 -8.71 -14.48
C THR A 60 -12.02 -9.14 -15.95
N SER A 61 -11.22 -8.49 -16.80
CA SER A 61 -11.12 -8.84 -18.20
C SER A 61 -9.85 -9.65 -18.48
N LYS A 62 -9.14 -10.03 -17.44
CA LYS A 62 -7.99 -10.89 -17.63
C LYS A 62 -8.45 -12.21 -18.26
N PRO A 63 -7.56 -12.87 -19.02
CA PRO A 63 -7.92 -14.20 -19.52
C PRO A 63 -7.98 -15.14 -18.34
N LEU A 64 -8.87 -16.12 -18.40
CA LEU A 64 -8.95 -17.17 -17.39
C LEU A 64 -7.67 -18.01 -17.50
N PRO A 65 -6.86 -18.04 -16.43
CA PRO A 65 -5.53 -18.67 -16.54
C PRO A 65 -5.55 -20.15 -16.92
N GLU A 66 -4.44 -20.63 -17.49
CA GLU A 66 -4.31 -22.04 -17.93
C GLU A 66 -4.56 -23.07 -16.83
N TYR A 67 -4.17 -22.72 -15.60
CA TYR A 67 -4.27 -23.62 -14.46
C TYR A 67 -5.71 -23.71 -13.95
N LEU A 68 -6.47 -22.63 -14.07
CA LEU A 68 -7.91 -22.66 -13.76
C LEU A 68 -8.77 -23.28 -14.88
N TRP A 69 -8.28 -23.26 -16.13
CA TRP A 69 -8.96 -24.01 -17.22
C TRP A 69 -8.94 -25.47 -16.94
N LYS A 70 -7.78 -25.96 -16.50
CA LYS A 70 -7.58 -27.39 -16.20
C LYS A 70 -8.38 -27.91 -14.98
N LYS A 71 -9.13 -27.03 -14.32
CA LYS A 71 -10.10 -27.45 -13.28
C LYS A 71 -11.53 -27.51 -13.82
N ILE A 72 -11.67 -27.65 -15.13
CA ILE A 72 -12.98 -27.85 -15.75
C ILE A 72 -12.85 -28.63 -17.08
N ALA A 73 -13.54 -29.77 -17.16
CA ALA A 73 -13.57 -30.59 -18.38
C ALA A 73 -14.90 -30.39 -19.12
N ASN A 74 -14.87 -30.66 -20.43
CA ASN A 74 -16.07 -30.56 -21.30
C ASN A 74 -16.79 -29.19 -21.29
N ASN A 75 -16.09 -28.13 -20.89
CA ASN A 75 -16.59 -26.76 -21.03
C ASN A 75 -17.98 -26.51 -20.40
N CYS A 76 -18.08 -26.74 -19.09
CA CYS A 76 -19.36 -26.62 -18.39
C CYS A 76 -19.21 -26.42 -16.87
N ILE A 77 -19.43 -25.20 -16.38
CA ILE A 77 -19.39 -24.90 -14.93
C ILE A 77 -20.79 -24.97 -14.32
N PHE A 78 -20.86 -25.44 -13.06
CA PHE A 78 -22.13 -25.65 -12.35
C PHE A 78 -22.41 -24.54 -11.34
N ILE A 79 -23.58 -23.91 -11.44
CA ILE A 79 -24.01 -22.90 -10.46
C ILE A 79 -25.32 -23.30 -9.77
N VAL A 80 -25.26 -23.46 -8.45
CA VAL A 80 -26.40 -23.94 -7.65
C VAL A 80 -27.25 -22.79 -7.08
N ILE A 81 -28.44 -22.58 -7.65
CA ILE A 81 -29.33 -21.47 -7.28
C ILE A 81 -30.28 -21.85 -6.15
N HIS A 82 -30.41 -20.98 -5.15
CA HIS A 82 -31.21 -21.27 -3.95
C HIS A 82 -32.53 -20.55 -3.93
N ARG A 83 -33.60 -21.35 -3.76
CA ARG A 83 -34.98 -20.86 -3.73
C ARG A 83 -35.32 -20.38 -2.31
N SER A 84 -35.34 -21.31 -1.36
CA SER A 84 -35.62 -21.01 0.05
C SER A 84 -35.11 -22.15 0.93
N THR A 85 -35.67 -23.34 0.72
CA THR A 85 -35.17 -24.57 1.31
C THR A 85 -34.37 -25.32 0.26
N THR A 86 -35.00 -25.55 -0.90
CA THR A 86 -34.38 -26.31 -1.99
C THR A 86 -33.47 -25.44 -2.87
N SER A 87 -32.61 -26.14 -3.62
CA SER A 87 -31.61 -25.53 -4.47
C SER A 87 -31.42 -26.41 -5.71
N GLN A 88 -31.70 -25.86 -6.90
CA GLN A 88 -31.45 -26.58 -8.15
C GLN A 88 -30.06 -26.18 -8.68
N THR A 89 -29.49 -27.05 -9.49
CA THR A 89 -28.14 -26.88 -10.02
C THR A 89 -28.14 -26.85 -11.55
N ILE A 90 -27.71 -25.71 -12.11
CA ILE A 90 -27.73 -25.46 -13.54
C ILE A 90 -26.33 -25.59 -14.13
N LYS A 91 -26.24 -26.25 -15.29
CA LYS A 91 -24.99 -26.38 -16.04
C LYS A 91 -24.87 -25.19 -16.99
N VAL A 92 -23.67 -24.61 -17.07
CA VAL A 92 -23.44 -23.41 -17.90
C VAL A 92 -22.07 -23.46 -18.57
N SER A 93 -21.84 -22.58 -19.55
CA SER A 93 -20.49 -22.42 -20.13
C SER A 93 -19.83 -21.13 -19.62
N PRO A 94 -18.49 -21.14 -19.51
CA PRO A 94 -17.73 -19.96 -19.07
C PRO A 94 -18.24 -18.65 -19.68
N ASP A 95 -18.61 -18.71 -20.96
CA ASP A 95 -19.06 -17.52 -21.69
C ASP A 95 -20.46 -17.03 -21.30
N ASP A 96 -21.26 -17.86 -20.65
CA ASP A 96 -22.63 -17.45 -20.31
C ASP A 96 -22.66 -16.19 -19.43
N THR A 97 -23.45 -15.21 -19.84
CA THR A 97 -23.76 -14.01 -19.05
C THR A 97 -24.71 -14.40 -17.91
N PRO A 98 -24.76 -13.60 -16.82
CA PRO A 98 -25.78 -13.85 -15.79
C PRO A 98 -27.21 -13.60 -16.26
N GLY A 99 -27.38 -12.72 -17.26
CA GLY A 99 -28.66 -12.62 -17.95
C GLY A 99 -29.05 -13.98 -18.50
N ALA A 100 -28.13 -14.58 -19.26
CA ALA A 100 -28.30 -15.88 -19.90
C ALA A 100 -28.85 -16.95 -18.97
N ILE A 101 -28.51 -16.87 -17.68
CA ILE A 101 -28.98 -17.83 -16.70
C ILE A 101 -29.49 -17.14 -15.44
N ASP A 126 -36.37 -8.85 -12.76
CA ASP A 126 -36.86 -8.56 -11.42
C ASP A 126 -35.93 -9.05 -10.28
N PHE A 127 -35.14 -10.09 -10.54
CA PHE A 127 -34.26 -10.69 -9.53
C PHE A 127 -32.79 -10.38 -9.83
N VAL A 128 -31.88 -11.04 -9.12
CA VAL A 128 -30.45 -10.96 -9.42
C VAL A 128 -29.72 -12.05 -8.62
N LEU A 129 -28.77 -12.72 -9.25
CA LEU A 129 -28.01 -13.77 -8.57
C LEU A 129 -27.01 -13.17 -7.59
N ARG A 130 -27.24 -13.37 -6.29
CA ARG A 130 -26.31 -12.90 -5.25
C ARG A 130 -25.54 -14.07 -4.63
N VAL A 131 -24.29 -13.84 -4.22
CA VAL A 131 -23.50 -14.92 -3.61
C VAL A 131 -23.99 -15.26 -2.20
N CYS A 132 -24.07 -16.55 -1.91
CA CYS A 132 -24.54 -17.00 -0.61
C CYS A 132 -23.52 -16.69 0.48
N GLY A 133 -23.97 -15.99 1.51
CA GLY A 133 -23.14 -15.59 2.64
C GLY A 133 -22.64 -14.17 2.56
N ARG A 134 -22.61 -13.61 1.35
CA ARG A 134 -21.90 -12.37 1.06
C ARG A 134 -22.75 -11.32 0.37
N ASP A 135 -22.35 -10.05 0.51
CA ASP A 135 -22.94 -8.96 -0.26
C ASP A 135 -22.12 -8.82 -1.54
N GLU A 136 -22.28 -9.77 -2.45
CA GLU A 136 -21.48 -9.89 -3.66
C GLU A 136 -22.34 -10.51 -4.76
N TYR A 137 -22.50 -9.78 -5.86
CA TYR A 137 -23.49 -10.08 -6.88
C TYR A 137 -22.86 -10.55 -8.19
N LEU A 138 -23.53 -11.50 -8.84
CA LEU A 138 -23.14 -11.98 -10.16
C LEU A 138 -24.06 -11.36 -11.21
N VAL A 139 -23.78 -10.09 -11.54
CA VAL A 139 -24.63 -9.28 -12.43
C VAL A 139 -23.84 -8.60 -13.52
N GLY A 140 -24.53 -8.23 -14.59
CA GLY A 140 -23.99 -7.34 -15.61
C GLY A 140 -23.50 -8.09 -16.82
N GLU A 141 -23.13 -7.33 -17.84
CA GLU A 141 -22.79 -7.88 -19.15
C GLU A 141 -21.34 -8.39 -19.18
N THR A 142 -21.04 -9.35 -18.32
CA THR A 142 -19.73 -9.99 -18.30
C THR A 142 -19.94 -11.50 -18.20
N PRO A 143 -19.09 -12.30 -18.87
CA PRO A 143 -19.22 -13.75 -18.75
C PRO A 143 -18.87 -14.25 -17.36
N ILE A 144 -19.56 -15.30 -16.91
CA ILE A 144 -19.27 -15.87 -15.60
C ILE A 144 -17.79 -16.18 -15.39
N LYS A 145 -17.09 -16.65 -16.42
CA LYS A 145 -15.64 -16.92 -16.31
C LYS A 145 -14.88 -15.74 -15.69
N ASN A 146 -15.37 -14.53 -15.99
CA ASN A 146 -14.68 -13.28 -15.69
C ASN A 146 -15.10 -12.62 -14.38
N PHE A 147 -15.92 -13.29 -13.58
CA PHE A 147 -16.23 -12.83 -12.21
C PHE A 147 -15.18 -13.34 -11.23
N GLN A 148 -14.78 -12.52 -10.27
CA GLN A 148 -13.70 -12.91 -9.36
C GLN A 148 -14.16 -13.99 -8.38
N TRP A 149 -15.44 -13.95 -8.01
CA TRP A 149 -16.00 -14.98 -7.15
C TRP A 149 -15.95 -16.33 -7.84
N VAL A 150 -16.41 -16.39 -9.09
CA VAL A 150 -16.33 -17.63 -9.85
C VAL A 150 -14.88 -18.10 -9.98
N ARG A 151 -13.97 -17.17 -10.25
CA ARG A 151 -12.56 -17.50 -10.32
C ARG A 151 -12.02 -17.98 -8.98
N HIS A 152 -12.52 -17.42 -7.88
CA HIS A 152 -12.12 -17.84 -6.52
C HIS A 152 -12.54 -19.27 -6.18
N CYS A 153 -13.78 -19.60 -6.53
CA CYS A 153 -14.34 -20.91 -6.27
C CYS A 153 -13.59 -22.00 -7.02
N LEU A 154 -13.44 -21.81 -8.33
CA LEU A 154 -12.62 -22.68 -9.16
C LEU A 154 -11.23 -22.96 -8.55
N LYS A 155 -10.58 -21.93 -8.04
CA LYS A 155 -9.22 -22.05 -7.48
C LYS A 155 -9.19 -23.07 -6.36
N ASN A 156 -10.03 -22.87 -5.36
CA ASN A 156 -9.95 -23.65 -4.12
C ASN A 156 -10.58 -25.03 -4.23
N GLY A 157 -11.26 -25.30 -5.35
CA GLY A 157 -11.95 -26.56 -5.54
C GLY A 157 -13.33 -26.51 -4.91
N GLU A 158 -13.90 -25.32 -4.85
CA GLU A 158 -15.22 -25.12 -4.28
C GLU A 158 -16.22 -24.82 -5.37
N GLU A 159 -17.48 -25.07 -5.06
CA GLU A 159 -18.57 -25.01 -6.04
C GLU A 159 -19.31 -23.70 -5.86
N ILE A 160 -19.83 -23.13 -6.94
CA ILE A 160 -20.44 -21.80 -6.91
C ILE A 160 -21.87 -21.87 -6.40
N HIS A 161 -22.23 -20.97 -5.48
CA HIS A 161 -23.54 -20.98 -4.83
C HIS A 161 -24.13 -19.61 -4.67
N VAL A 162 -25.36 -19.43 -5.15
CA VAL A 162 -26.01 -18.12 -5.19
C VAL A 162 -27.50 -18.18 -4.83
N VAL A 163 -28.02 -17.12 -4.22
CA VAL A 163 -29.45 -17.01 -3.90
C VAL A 163 -30.19 -16.01 -4.80
N LEU A 164 -31.28 -16.47 -5.41
CA LEU A 164 -32.13 -15.62 -6.24
C LEU A 164 -32.77 -14.53 -5.36
N ASP A 165 -32.27 -13.30 -5.51
CA ASP A 165 -32.62 -12.22 -4.60
C ASP A 165 -33.05 -10.97 -5.36
N THR A 166 -33.72 -10.07 -4.65
CA THR A 166 -34.10 -8.78 -5.20
C THR A 166 -32.84 -7.92 -5.31
N PRO A 167 -32.70 -7.19 -6.43
CA PRO A 167 -31.64 -6.17 -6.52
C PRO A 167 -31.82 -5.08 -5.45
N PRO A 168 -30.72 -4.70 -4.75
CA PRO A 168 -30.84 -3.72 -3.67
C PRO A 168 -31.15 -2.33 -4.21
N ASP A 169 -31.96 -1.58 -3.47
CA ASP A 169 -32.50 -0.32 -3.93
C ASP A 169 -31.41 0.74 -4.12
N PRO A 170 -31.25 1.24 -5.37
CA PRO A 170 -30.39 2.38 -5.61
C PRO A 170 -30.73 3.59 -4.73
N ALA A 171 -31.99 3.74 -4.37
CA ALA A 171 -32.41 4.79 -3.44
C ALA A 171 -31.52 4.87 -2.20
N LEU A 172 -31.03 3.72 -1.72
CA LEU A 172 -30.18 3.66 -0.52
C LEU A 172 -28.79 4.29 -0.72
N ASP A 173 -28.34 4.40 -1.97
CA ASP A 173 -27.07 5.02 -2.30
C ASP A 173 -27.20 6.52 -2.63
N GLU A 174 -28.34 7.11 -2.22
CA GLU A 174 -28.62 8.53 -2.36
C GLU A 174 -27.55 9.39 -1.66
N VAL A 175 -27.23 10.53 -2.26
CA VAL A 175 -26.27 11.45 -1.67
C VAL A 175 -26.92 12.76 -1.29
N ARG A 176 -26.69 13.16 -0.03
CA ARG A 176 -27.11 14.44 0.51
C ARG A 176 -26.64 15.57 -0.39
N LYS A 177 -27.44 16.63 -0.51
CA LYS A 177 -27.08 17.79 -1.35
C LYS A 177 -26.03 18.68 -0.69
N GLU A 178 -25.44 19.59 -1.46
CA GLU A 178 -24.32 20.42 -0.99
C GLU A 178 -24.53 21.88 -1.33
N THR A 208 -1.43 41.67 -10.24
CA THR A 208 -0.26 40.83 -10.00
C THR A 208 0.88 41.15 -10.97
N VAL A 209 2.12 40.90 -10.51
CA VAL A 209 3.34 40.97 -11.34
C VAL A 209 3.74 39.55 -11.75
N SER A 210 4.03 39.36 -13.04
CA SER A 210 4.44 38.04 -13.54
C SER A 210 5.75 37.59 -12.92
N LEU A 211 5.88 36.28 -12.69
CA LEU A 211 7.08 35.72 -12.05
C LEU A 211 8.27 35.80 -13.00
N TRP A 212 8.00 35.68 -14.30
CA TRP A 212 9.04 35.59 -15.32
C TRP A 212 9.54 36.91 -15.80
N ASP A 213 9.02 38.00 -15.22
CA ASP A 213 9.54 39.35 -15.42
C ASP A 213 10.23 39.85 -14.13
N CYS A 214 10.68 38.92 -13.28
CA CYS A 214 11.34 39.28 -12.03
C CYS A 214 12.75 38.67 -11.94
N ASP A 215 13.77 39.51 -12.12
CA ASP A 215 15.17 39.08 -12.20
C ASP A 215 15.91 39.09 -10.86
N ARG A 216 15.22 39.43 -9.79
CA ARG A 216 15.84 39.42 -8.46
C ARG A 216 16.25 38.00 -8.08
N LYS A 217 17.29 37.89 -7.26
CA LYS A 217 17.60 36.62 -6.62
C LYS A 217 16.62 36.39 -5.48
N PHE A 218 16.16 35.15 -5.35
CA PHE A 218 15.31 34.76 -4.22
C PHE A 218 16.09 34.90 -2.92
N ARG A 219 15.37 35.27 -1.84
CA ARG A 219 15.96 35.46 -0.53
C ARG A 219 14.96 35.16 0.59
N VAL A 220 15.48 34.76 1.74
CA VAL A 220 14.64 34.50 2.92
C VAL A 220 15.40 34.88 4.18
N LYS A 221 14.72 35.60 5.08
CA LYS A 221 15.34 35.97 6.34
C LYS A 221 15.08 34.91 7.40
N ILE A 222 16.14 34.53 8.11
CA ILE A 222 16.04 33.62 9.23
C ILE A 222 16.08 34.47 10.51
N ARG A 223 14.90 34.81 11.02
CA ARG A 223 14.80 35.63 12.21
C ARG A 223 15.45 34.88 13.35
N GLY A 224 14.97 33.66 13.54
CA GLY A 224 15.49 32.81 14.58
C GLY A 224 14.71 31.53 14.73
N ILE A 225 15.16 30.73 15.69
CA ILE A 225 14.47 29.54 16.14
C ILE A 225 14.15 29.69 17.62
N ASP A 226 13.16 28.93 18.09
CA ASP A 226 12.74 29.00 19.48
C ASP A 226 12.23 27.62 19.90
N ILE A 227 12.82 27.09 20.97
CA ILE A 227 12.45 25.79 21.51
C ILE A 227 12.22 25.93 23.03
N PRO A 228 11.04 25.55 23.53
CA PRO A 228 10.77 25.67 24.97
C PRO A 228 11.70 24.85 25.89
N VAL A 229 12.17 23.70 25.42
CA VAL A 229 13.09 22.86 26.20
C VAL A 229 14.15 22.24 25.28
N LEU A 230 15.42 22.39 25.65
CA LEU A 230 16.54 21.83 24.87
C LEU A 230 16.58 20.31 24.97
N LEU A 236 26.80 22.64 22.82
CA LEU A 236 26.50 22.46 21.41
C LEU A 236 26.28 23.79 20.69
N THR A 237 26.58 23.80 19.39
CA THR A 237 26.27 24.92 18.49
C THR A 237 25.24 24.44 17.46
N VAL A 238 24.59 25.37 16.78
CA VAL A 238 23.54 25.02 15.79
C VAL A 238 23.41 26.02 14.65
N PHE A 239 23.11 25.51 13.44
CA PHE A 239 22.80 26.36 12.29
C PHE A 239 21.58 25.91 11.45
N VAL A 240 20.94 26.88 10.82
CA VAL A 240 19.80 26.69 9.96
C VAL A 240 20.31 26.53 8.53
N GLU A 241 19.95 25.43 7.87
CA GLU A 241 20.23 25.28 6.45
C GLU A 241 18.91 25.48 5.67
N ALA A 242 18.97 26.24 4.59
CA ALA A 242 17.79 26.55 3.80
C ALA A 242 17.97 26.03 2.37
N ASN A 243 17.26 24.96 2.03
CA ASN A 243 17.35 24.38 0.69
C ASN A 243 16.15 24.71 -0.16
N ILE A 244 16.39 25.18 -1.39
CA ILE A 244 15.35 25.22 -2.42
C ILE A 244 15.36 23.83 -3.09
N GLN A 245 14.28 23.05 -2.90
CA GLN A 245 14.19 21.69 -3.46
C GLN A 245 13.09 21.52 -4.47
N HIS A 246 13.31 20.54 -5.35
CA HIS A 246 12.35 20.14 -6.35
C HIS A 246 12.53 18.67 -6.53
N GLY A 247 11.48 17.88 -6.26
CA GLY A 247 11.65 16.44 -6.12
C GLY A 247 12.56 16.25 -4.93
N GLN A 248 13.51 15.32 -5.07
CA GLN A 248 14.59 15.17 -4.12
C GLN A 248 15.75 16.13 -4.43
N GLN A 249 15.69 16.79 -5.59
CA GLN A 249 16.80 17.58 -6.11
C GLN A 249 16.94 18.86 -5.30
N VAL A 250 18.12 19.10 -4.77
CA VAL A 250 18.43 20.38 -4.12
C VAL A 250 18.91 21.37 -5.19
N LEU A 251 18.03 22.27 -5.62
CA LEU A 251 18.38 23.28 -6.63
C LEU A 251 19.41 24.28 -6.12
N CYS A 252 19.33 24.63 -4.85
CA CYS A 252 20.16 25.69 -4.29
C CYS A 252 20.10 25.67 -2.78
N GLN A 253 21.26 25.85 -2.15
CA GLN A 253 21.43 25.70 -0.71
C GLN A 253 22.19 26.89 -0.07
N ARG A 254 21.74 27.31 1.12
CA ARG A 254 22.45 28.30 1.93
C ARG A 254 22.35 27.91 3.40
N ARG A 255 23.37 28.28 4.16
CA ARG A 255 23.44 28.02 5.59
C ARG A 255 23.59 29.34 6.36
N THR A 256 23.13 29.37 7.60
CA THR A 256 23.47 30.45 8.54
C THR A 256 24.80 30.13 9.19
N SER A 257 25.40 31.16 9.77
CA SER A 257 26.58 31.00 10.59
C SER A 257 26.18 30.18 11.82
N PRO A 258 27.11 29.38 12.37
CA PRO A 258 26.76 28.66 13.58
C PRO A 258 26.64 29.61 14.76
N LYS A 259 25.66 29.37 15.62
CA LYS A 259 25.51 30.06 16.90
C LYS A 259 25.53 28.99 17.98
N PRO A 260 25.58 29.38 19.27
CA PRO A 260 25.35 28.43 20.36
C PRO A 260 23.90 27.97 20.44
N PHE A 261 23.66 26.70 20.78
CA PHE A 261 22.29 26.18 20.82
C PHE A 261 21.66 26.41 22.20
N THR A 262 21.14 27.61 22.37
CA THR A 262 20.33 27.95 23.54
C THR A 262 18.88 27.66 23.20
N GLU A 263 17.97 27.89 24.15
CA GLU A 263 16.56 27.57 23.96
C GLU A 263 15.87 28.54 22.99
N GLU A 264 16.53 29.64 22.68
CA GLU A 264 16.07 30.58 21.67
C GLU A 264 17.30 31.14 20.94
N VAL A 265 17.32 31.05 19.62
CA VAL A 265 18.50 31.52 18.85
C VAL A 265 18.09 32.46 17.72
N LEU A 266 18.54 33.72 17.80
CA LEU A 266 18.18 34.76 16.83
C LEU A 266 19.35 35.10 15.90
N TRP A 267 19.04 35.30 14.62
CA TRP A 267 20.02 35.54 13.57
C TRP A 267 19.80 36.84 12.85
N ASN A 268 18.57 37.09 12.43
CA ASN A 268 18.20 38.31 11.67
C ASN A 268 18.96 38.46 10.34
N VAL A 269 19.35 37.34 9.73
CA VAL A 269 20.16 37.37 8.50
C VAL A 269 19.36 37.05 7.22
N TRP A 270 19.66 37.76 6.14
CA TRP A 270 19.20 37.39 4.81
C TRP A 270 20.08 36.34 4.25
N LEU A 271 19.47 35.24 3.82
CA LEU A 271 20.13 34.23 3.02
C LEU A 271 19.82 34.49 1.55
N GLU A 272 20.85 34.85 0.78
CA GLU A 272 20.68 35.11 -0.63
C GLU A 272 20.97 33.83 -1.43
N PHE A 273 20.02 33.47 -2.29
CA PHE A 273 20.19 32.31 -3.14
C PHE A 273 20.64 32.72 -4.53
N SER A 274 21.32 31.81 -5.20
CA SER A 274 21.85 32.05 -6.53
C SER A 274 20.75 31.99 -7.57
N ILE A 275 19.67 31.25 -7.28
CA ILE A 275 18.53 31.14 -8.21
C ILE A 275 17.64 32.38 -8.16
N LYS A 276 17.19 32.79 -9.35
CA LYS A 276 16.30 33.93 -9.53
C LYS A 276 14.84 33.54 -9.36
N ILE A 277 14.00 34.49 -8.93
CA ILE A 277 12.56 34.24 -8.74
C ILE A 277 11.97 33.63 -9.99
N LYS A 278 12.23 34.22 -11.14
CA LYS A 278 11.70 33.67 -12.40
C LYS A 278 12.05 32.17 -12.63
N ASP A 279 13.16 31.74 -12.06
CA ASP A 279 13.58 30.36 -12.19
C ASP A 279 12.99 29.42 -11.09
N LEU A 280 12.12 29.95 -10.23
CA LEU A 280 11.41 29.11 -9.27
C LEU A 280 10.35 28.31 -10.03
N PRO A 281 10.42 26.96 -9.94
CA PRO A 281 9.44 26.09 -10.57
C PRO A 281 8.30 25.81 -9.63
N LYS A 282 7.09 25.64 -10.19
CA LYS A 282 5.92 25.34 -9.38
C LYS A 282 6.16 24.02 -8.64
N GLY A 283 6.02 24.05 -7.33
CA GLY A 283 6.27 22.88 -6.51
C GLY A 283 7.60 22.93 -5.79
N ALA A 284 8.32 24.03 -5.90
CA ALA A 284 9.60 24.16 -5.23
C ALA A 284 9.35 24.33 -3.73
N LEU A 285 9.98 23.47 -2.94
CA LEU A 285 9.94 23.58 -1.50
C LEU A 285 11.12 24.39 -1.02
N LEU A 286 10.83 25.44 -0.27
CA LEU A 286 11.79 25.97 0.66
C LEU A 286 11.86 24.96 1.80
N ASN A 287 12.94 24.20 1.84
CA ASN A 287 13.18 23.24 2.92
C ASN A 287 14.12 23.82 3.97
N LEU A 288 13.59 24.08 5.15
CA LEU A 288 14.36 24.64 6.26
C LEU A 288 14.73 23.50 7.22
N GLN A 289 16.02 23.36 7.52
CA GLN A 289 16.53 22.30 8.38
C GLN A 289 17.47 22.85 9.45
N ILE A 290 17.53 22.17 10.58
CA ILE A 290 18.35 22.58 11.69
C ILE A 290 19.35 21.51 12.02
N TYR A 291 20.63 21.88 11.90
CA TYR A 291 21.74 20.99 12.23
C TYR A 291 22.42 21.48 13.49
N CYS A 292 23.03 20.56 14.24
CA CYS A 292 23.90 20.92 15.36
C CYS A 292 25.25 20.21 15.21
N GLY A 293 26.25 20.71 15.94
CA GLY A 293 27.60 20.15 15.89
C GLY A 293 28.47 20.68 17.04
N LYS A 314 30.54 16.47 10.50
CA LYS A 314 30.34 16.20 11.93
C LYS A 314 29.12 16.96 12.50
N VAL A 315 28.11 17.16 11.67
CA VAL A 315 26.86 17.78 12.12
C VAL A 315 25.87 16.66 12.43
N GLN A 316 24.59 17.00 12.65
CA GLN A 316 23.53 16.01 12.68
C GLN A 316 22.14 16.67 12.60
N LEU A 317 21.34 16.22 11.66
CA LEU A 317 20.04 16.83 11.41
C LEU A 317 19.08 16.54 12.55
N LEU A 318 18.57 17.59 13.18
CA LEU A 318 17.70 17.47 14.35
C LEU A 318 16.26 17.84 14.07
N TYR A 319 16.05 18.85 13.25
CA TYR A 319 14.69 19.27 12.88
C TYR A 319 14.62 19.69 11.42
N TYR A 320 13.41 19.60 10.88
CA TYR A 320 13.14 20.09 9.53
C TYR A 320 11.70 20.60 9.39
N VAL A 321 11.51 21.56 8.49
CA VAL A 321 10.18 21.93 8.03
C VAL A 321 10.27 22.36 6.57
N ASN A 322 9.15 22.31 5.87
CA ASN A 322 9.08 22.71 4.50
C ASN A 322 8.00 23.74 4.30
N LEU A 323 8.13 24.50 3.22
CA LEU A 323 7.17 25.49 2.81
C LEU A 323 7.20 25.60 1.28
N LEU A 324 6.05 25.45 0.64
CA LEU A 324 5.91 25.70 -0.78
C LEU A 324 6.21 27.17 -1.11
N LEU A 325 7.11 27.40 -2.06
CA LEU A 325 7.47 28.77 -2.45
C LEU A 325 6.44 29.34 -3.42
N ILE A 326 5.82 28.48 -4.21
CA ILE A 326 4.75 28.87 -5.10
C ILE A 326 3.49 28.10 -4.70
N ASP A 327 2.48 28.83 -4.24
CA ASP A 327 1.34 28.23 -3.59
C ASP A 327 0.25 27.77 -4.56
N HIS A 328 -0.85 27.30 -4.02
CA HIS A 328 -1.95 26.71 -4.80
C HIS A 328 -2.51 27.56 -5.89
N ARG A 329 -2.52 28.88 -5.69
CA ARG A 329 -3.02 29.85 -6.71
C ARG A 329 -1.96 30.32 -7.72
N PHE A 330 -0.78 29.66 -7.74
CA PHE A 330 0.37 30.08 -8.54
C PHE A 330 1.11 31.34 -8.01
N LEU A 331 0.69 31.86 -6.86
CA LEU A 331 1.29 33.09 -6.31
C LEU A 331 2.59 32.74 -5.58
N LEU A 332 3.55 33.66 -5.61
CA LEU A 332 4.81 33.48 -4.86
C LEU A 332 4.57 33.71 -3.38
N ARG A 333 4.98 32.77 -2.54
CA ARG A 333 4.68 32.87 -1.12
C ARG A 333 5.44 34.01 -0.43
N ARG A 334 4.70 34.89 0.24
CA ARG A 334 5.25 36.16 0.74
C ARG A 334 4.86 36.42 2.19
N GLY A 335 5.78 37.04 2.92
CA GLY A 335 5.51 37.49 4.28
C GLY A 335 6.09 36.66 5.42
N GLU A 336 5.49 36.82 6.60
CA GLU A 336 5.97 36.28 7.87
C GLU A 336 5.42 34.91 8.15
N TYR A 337 6.30 33.99 8.58
CA TYR A 337 5.91 32.63 8.91
C TYR A 337 6.58 32.18 10.20
N VAL A 338 5.79 31.60 11.10
CA VAL A 338 6.33 30.92 12.27
C VAL A 338 5.98 29.46 12.11
N LEU A 339 6.95 28.68 11.65
CA LEU A 339 6.71 27.28 11.30
C LEU A 339 7.16 26.38 12.43
N HIS A 340 6.27 25.50 12.85
CA HIS A 340 6.63 24.45 13.80
C HIS A 340 7.13 23.23 13.07
N MET A 341 8.28 22.75 13.55
CA MET A 341 9.08 21.74 12.87
C MET A 341 8.98 20.34 13.48
N TRP A 342 9.50 19.41 12.71
CA TRP A 342 9.49 18.00 13.02
C TRP A 342 10.83 17.63 13.56
N GLN A 343 10.86 16.70 14.51
CA GLN A 343 12.11 16.16 15.05
C GLN A 343 12.53 14.97 14.16
N ILE A 344 13.78 14.52 14.30
CA ILE A 344 14.24 13.30 13.64
C ILE A 344 14.39 12.20 14.69
N SER A 345 14.29 10.94 14.25
CA SER A 345 14.68 9.78 15.06
C SER A 345 16.20 9.79 15.25
N SER A 353 18.93 9.66 3.10
CA SER A 353 17.85 9.21 3.98
C SER A 353 16.50 9.49 3.32
N PHE A 354 16.04 8.56 2.48
CA PHE A 354 14.76 8.69 1.77
C PHE A 354 13.57 8.42 2.69
N ASN A 355 12.74 9.42 2.91
CA ASN A 355 11.55 9.28 3.73
C ASN A 355 10.49 10.26 3.25
N ALA A 356 9.31 9.74 2.90
CA ALA A 356 8.21 10.61 2.49
C ALA A 356 7.92 11.68 3.52
N ASP A 357 8.05 11.33 4.79
CA ASP A 357 7.79 12.33 5.83
C ASP A 357 8.61 13.61 5.68
N LYS A 358 9.85 13.51 5.21
CA LYS A 358 10.72 14.68 5.02
C LYS A 358 10.16 15.71 4.04
N LEU A 359 9.23 15.28 3.20
CA LEU A 359 8.72 16.14 2.15
C LEU A 359 7.46 16.93 2.49
N THR A 360 6.80 16.66 3.61
CA THR A 360 5.45 17.22 3.81
C THR A 360 5.49 18.72 3.92
N SER A 361 4.40 19.36 3.50
CA SER A 361 4.18 20.80 3.69
C SER A 361 3.45 21.01 5.01
N ALA A 362 3.16 19.93 5.72
CA ALA A 362 2.45 20.02 6.98
C ALA A 362 3.41 20.55 8.02
N THR A 363 2.93 21.43 8.89
CA THR A 363 3.68 21.84 10.07
C THR A 363 3.33 20.94 11.26
N ASN A 364 4.31 20.72 12.12
CA ASN A 364 4.06 20.04 13.41
C ASN A 364 2.92 20.74 14.21
N PRO A 365 1.88 19.97 14.62
CA PRO A 365 0.78 20.59 15.37
C PRO A 365 1.05 20.73 16.88
N ASP A 366 2.04 20.00 17.40
CA ASP A 366 2.39 20.03 18.83
C ASP A 366 3.20 21.28 19.15
N LYS A 367 2.51 22.40 19.26
CA LYS A 367 3.17 23.72 19.41
C LYS A 367 3.84 23.94 20.77
N GLU A 368 3.26 23.41 21.85
CA GLU A 368 3.84 23.61 23.18
C GLU A 368 5.21 22.92 23.35
N ASN A 369 5.54 21.93 22.51
CA ASN A 369 6.85 21.27 22.58
C ASN A 369 7.76 21.48 21.38
N SER A 370 7.19 21.48 20.18
CA SER A 370 8.00 21.47 18.96
C SER A 370 8.91 22.68 18.78
N MET A 371 9.93 22.49 17.95
CA MET A 371 10.87 23.55 17.58
C MET A 371 10.23 24.45 16.53
N SER A 372 10.43 25.76 16.69
CA SER A 372 9.85 26.74 15.80
C SER A 372 10.98 27.44 15.03
N ILE A 373 10.69 27.84 13.80
CA ILE A 373 11.58 28.71 13.06
C ILE A 373 10.78 29.91 12.55
N SER A 374 11.43 31.07 12.49
CA SER A 374 10.75 32.30 12.14
C SER A 374 11.43 32.93 10.94
N ILE A 375 10.66 33.12 9.88
CA ILE A 375 11.19 33.63 8.63
C ILE A 375 10.34 34.75 8.03
N LEU A 376 10.98 35.57 7.18
CA LEU A 376 10.30 36.60 6.39
C LEU A 376 10.64 36.45 4.91
N LEU A 377 9.62 36.17 4.09
CA LEU A 377 9.73 36.22 2.63
C LEU A 377 9.17 37.57 2.20
N ASP A 378 10.00 38.44 1.63
CA ASP A 378 9.57 39.79 1.27
C ASP A 378 9.98 40.13 -0.16
N ASN A 379 9.22 41.04 -0.77
CA ASN A 379 9.50 41.59 -2.10
C ASN A 379 8.77 42.91 -2.34
N HIS A 382 4.02 43.70 -3.43
CA HIS A 382 3.01 43.31 -4.40
C HIS A 382 3.09 41.83 -4.70
N PRO A 383 1.95 41.21 -5.06
CA PRO A 383 1.89 39.77 -5.31
C PRO A 383 2.47 39.37 -6.67
N ILE A 384 3.31 38.34 -6.67
CA ILE A 384 3.96 37.87 -7.87
C ILE A 384 3.37 36.51 -8.23
N ALA A 385 2.90 36.37 -9.47
CA ALA A 385 2.18 35.17 -9.93
C ALA A 385 2.93 34.49 -11.08
N LEU A 386 3.02 33.16 -11.01
CA LEU A 386 3.55 32.34 -12.08
C LEU A 386 2.48 32.23 -13.16
N PRO A 387 2.85 32.45 -14.43
CA PRO A 387 1.88 32.26 -15.53
C PRO A 387 1.61 30.80 -15.92
N LYS A 388 0.71 30.61 -16.89
CA LYS A 388 0.49 29.31 -17.53
C LYS A 388 1.19 29.32 -18.91
N HIS A 389 1.41 28.12 -19.45
CA HIS A 389 2.31 27.93 -20.59
C HIS A 389 1.56 27.69 -21.88
N GLN A 390 0.92 28.74 -22.38
CA GLN A 390 0.06 28.66 -23.56
C GLN A 390 0.68 27.85 -24.70
N GLU A 403 17.99 11.53 -36.14
CA GLU A 403 19.11 11.27 -37.05
C GLU A 403 20.44 11.42 -36.32
N MET A 404 20.61 10.64 -35.26
CA MET A 404 21.81 10.71 -34.45
C MET A 404 22.82 9.62 -34.81
N PRO A 405 24.11 9.84 -34.52
CA PRO A 405 25.17 8.85 -34.70
C PRO A 405 24.77 7.50 -34.17
N ASN A 406 25.42 6.46 -34.65
CA ASN A 406 25.07 5.11 -34.24
C ASN A 406 25.45 4.85 -32.79
N GLN A 407 26.67 5.20 -32.39
CA GLN A 407 27.15 4.94 -31.02
C GLN A 407 26.41 5.77 -29.99
N LEU A 408 25.91 6.93 -30.40
CA LEU A 408 25.10 7.75 -29.51
C LEU A 408 23.73 7.12 -29.29
N ARG A 409 23.01 6.84 -30.38
CA ARG A 409 21.72 6.15 -30.27
C ARG A 409 21.85 4.92 -29.38
N LYS A 410 22.86 4.11 -29.63
CA LYS A 410 23.08 2.92 -28.82
C LYS A 410 23.39 3.30 -27.36
N GLN A 411 24.23 4.32 -27.16
CA GLN A 411 24.51 4.78 -25.78
C GLN A 411 23.22 5.20 -25.09
N LEU A 412 22.33 5.85 -25.85
CA LEU A 412 21.01 6.26 -25.33
C LEU A 412 20.10 5.06 -25.06
N GLU A 413 20.17 4.05 -25.93
CA GLU A 413 19.33 2.87 -25.77
C GLU A 413 19.76 2.08 -24.53
N ALA A 414 21.06 2.09 -24.22
CA ALA A 414 21.58 1.49 -22.99
C ALA A 414 21.05 2.20 -21.74
N ILE A 415 21.30 3.50 -21.63
CA ILE A 415 20.72 4.34 -20.55
C ILE A 415 19.24 4.05 -20.31
N ILE A 416 18.43 4.28 -21.35
CA ILE A 416 16.99 4.00 -21.34
C ILE A 416 16.66 2.62 -20.80
N ALA A 417 17.46 1.61 -21.16
CA ALA A 417 17.15 0.22 -20.76
C ALA A 417 17.47 -0.08 -19.28
N THR A 418 18.42 0.66 -18.68
CA THR A 418 18.84 0.42 -17.29
C THR A 418 17.65 0.52 -16.31
N ASP A 419 17.84 0.04 -15.08
CA ASP A 419 16.74 -0.03 -14.10
C ASP A 419 16.45 1.31 -13.41
N PRO A 420 15.27 1.45 -12.79
CA PRO A 420 14.91 2.71 -12.16
C PRO A 420 15.82 3.18 -11.03
N LEU A 421 16.60 2.29 -10.43
CA LEU A 421 17.49 2.69 -9.32
C LEU A 421 18.91 2.91 -9.79
N ASN A 422 19.12 2.82 -11.10
CA ASN A 422 20.42 3.05 -11.70
C ASN A 422 20.66 4.55 -11.85
N PRO A 423 21.72 5.06 -11.22
CA PRO A 423 21.94 6.52 -11.22
C PRO A 423 22.30 7.04 -12.59
N LEU A 424 21.74 8.19 -12.95
CA LEU A 424 22.11 8.90 -14.17
C LEU A 424 23.28 9.83 -13.84
N THR A 425 24.36 9.67 -14.58
CA THR A 425 25.46 10.63 -14.48
C THR A 425 25.03 11.93 -15.19
N ALA A 426 25.75 13.02 -14.96
CA ALA A 426 25.49 14.24 -15.70
C ALA A 426 25.69 13.95 -17.19
N GLU A 427 26.74 13.20 -17.51
CA GLU A 427 26.99 12.81 -18.89
C GLU A 427 25.72 12.20 -19.51
N ASP A 428 25.03 11.33 -18.76
CA ASP A 428 23.79 10.71 -19.24
C ASP A 428 22.67 11.72 -19.35
N LYS A 429 22.52 12.52 -18.31
CA LYS A 429 21.49 13.56 -18.28
C LYS A 429 21.62 14.47 -19.47
N GLU A 430 22.82 14.95 -19.71
CA GLU A 430 23.09 15.82 -20.85
C GLU A 430 22.71 15.16 -22.17
N LEU A 431 22.93 13.85 -22.26
CA LEU A 431 22.66 13.12 -23.51
C LEU A 431 21.15 12.97 -23.71
N LEU A 432 20.45 12.57 -22.66
CA LEU A 432 18.98 12.45 -22.71
C LEU A 432 18.33 13.75 -23.13
N TRP A 433 18.78 14.84 -22.55
CA TRP A 433 18.19 16.14 -22.80
C TRP A 433 18.54 16.67 -24.17
N HIS A 434 19.79 16.58 -24.58
CA HIS A 434 20.10 16.99 -25.93
C HIS A 434 19.22 16.25 -26.90
N PHE A 435 19.12 14.93 -26.75
CA PHE A 435 18.27 14.10 -27.61
C PHE A 435 16.85 13.87 -27.07
N ARG A 436 16.40 14.81 -26.26
CA ARG A 436 15.00 15.09 -26.03
C ARG A 436 14.03 14.34 -26.95
N TYR A 437 14.02 14.66 -28.22
CA TYR A 437 12.98 14.19 -29.15
C TYR A 437 13.10 12.73 -29.54
N GLU A 438 14.33 12.22 -29.50
CA GLU A 438 14.57 10.79 -29.69
C GLU A 438 14.13 10.04 -28.46
N SER A 439 14.51 10.55 -27.29
CA SER A 439 14.10 9.98 -26.01
C SER A 439 12.58 9.92 -25.84
N LEU A 440 11.86 10.86 -26.45
CA LEU A 440 10.40 10.90 -26.34
C LEU A 440 9.69 9.79 -27.10
N LYS A 441 10.36 9.15 -28.05
CA LYS A 441 9.77 8.04 -28.80
C LYS A 441 9.69 6.73 -28.00
N HIS A 442 10.21 6.75 -26.77
CA HIS A 442 10.31 5.56 -25.93
C HIS A 442 9.67 5.84 -24.60
N PRO A 443 8.44 5.35 -24.38
CA PRO A 443 7.82 5.63 -23.12
C PRO A 443 8.70 5.30 -21.92
N LYS A 444 9.51 4.25 -22.05
CA LYS A 444 10.37 3.80 -20.95
C LYS A 444 11.45 4.79 -20.56
N ALA A 445 11.78 5.72 -21.46
CA ALA A 445 12.79 6.75 -21.21
C ALA A 445 12.25 7.92 -20.38
N TYR A 446 10.95 8.00 -20.21
CA TYR A 446 10.35 9.18 -19.63
C TYR A 446 10.91 9.49 -18.25
N PRO A 447 10.86 8.53 -17.30
CA PRO A 447 11.40 8.82 -15.96
C PRO A 447 12.78 9.45 -15.98
N LYS A 448 13.69 8.82 -16.73
CA LYS A 448 15.07 9.28 -16.84
C LYS A 448 15.14 10.64 -17.53
N LEU A 449 14.39 10.78 -18.61
CA LEU A 449 14.34 12.02 -19.38
C LEU A 449 13.94 13.17 -18.52
N PHE A 450 12.88 12.98 -17.74
CA PHE A 450 12.42 14.08 -16.90
C PHE A 450 13.26 14.23 -15.63
N SER A 451 14.13 13.27 -15.40
CA SER A 451 15.18 13.42 -14.39
C SER A 451 16.42 14.09 -14.95
N SER A 452 16.39 14.48 -16.22
CA SER A 452 17.48 15.18 -16.90
C SER A 452 17.18 16.65 -17.12
N VAL A 453 16.05 17.10 -16.58
CA VAL A 453 15.62 18.46 -16.74
C VAL A 453 16.20 19.29 -15.61
N LYS A 454 16.68 20.48 -15.95
CA LYS A 454 17.13 21.43 -14.96
C LYS A 454 15.92 22.21 -14.49
N TRP A 455 15.31 21.75 -13.41
CA TRP A 455 14.04 22.36 -12.95
C TRP A 455 14.22 23.75 -12.36
N GLY A 456 15.44 24.07 -11.95
CA GLY A 456 15.79 25.41 -11.49
C GLY A 456 16.13 26.41 -12.59
N GLN A 457 15.72 26.11 -13.83
CA GLN A 457 16.00 26.97 -14.99
C GLN A 457 14.78 27.10 -15.91
N GLN A 458 14.23 28.30 -15.98
CA GLN A 458 12.85 28.52 -16.41
C GLN A 458 12.62 28.29 -17.89
N GLU A 459 13.63 28.58 -18.71
CA GLU A 459 13.53 28.32 -20.14
C GLU A 459 13.58 26.80 -20.43
N ILE A 460 14.34 26.04 -19.64
CA ILE A 460 14.42 24.58 -19.83
C ILE A 460 13.07 23.95 -19.49
N VAL A 461 12.46 24.43 -18.43
CA VAL A 461 11.16 23.92 -17.98
C VAL A 461 10.09 24.20 -19.03
N ALA A 462 10.15 25.36 -19.67
CA ALA A 462 9.20 25.71 -20.73
C ALA A 462 9.38 24.78 -21.93
N LYS A 463 10.63 24.40 -22.19
CA LYS A 463 10.94 23.51 -23.30
C LYS A 463 10.44 22.11 -22.99
N THR A 464 10.45 21.76 -21.71
CA THR A 464 9.97 20.48 -21.24
C THR A 464 8.47 20.40 -21.44
N TYR A 465 7.77 21.48 -21.14
CA TYR A 465 6.32 21.53 -21.32
C TYR A 465 5.93 21.49 -22.78
N GLN A 466 6.74 22.11 -23.65
CA GLN A 466 6.53 21.98 -25.08
C GLN A 466 6.72 20.54 -25.53
N LEU A 467 7.54 19.80 -24.79
CA LEU A 467 7.79 18.40 -25.07
C LEU A 467 6.57 17.56 -24.68
N LEU A 468 6.02 17.82 -23.49
CA LEU A 468 4.77 17.18 -23.04
C LEU A 468 3.55 17.50 -23.92
N ALA A 469 3.53 18.63 -24.60
CA ALA A 469 2.46 18.96 -25.53
C ALA A 469 2.43 17.94 -26.67
N ARG A 470 3.60 17.41 -26.99
CA ARG A 470 3.81 16.52 -28.12
C ARG A 470 3.85 15.04 -27.73
N ARG A 471 3.25 14.65 -26.60
CA ARG A 471 3.39 13.26 -26.14
C ARG A 471 2.40 12.31 -26.84
N GLU A 472 2.42 12.29 -28.17
CA GLU A 472 1.53 11.44 -28.95
C GLU A 472 1.83 9.96 -28.72
N VAL A 473 3.12 9.63 -28.63
CA VAL A 473 3.56 8.24 -28.43
C VAL A 473 3.14 7.75 -27.05
N TRP A 474 3.39 8.61 -26.06
CA TRP A 474 3.01 8.37 -24.67
C TRP A 474 1.57 8.01 -24.60
N ASP A 475 0.75 8.91 -25.12
CA ASP A 475 -0.71 8.79 -25.08
C ASP A 475 -1.17 7.46 -25.65
N GLN A 476 -0.53 7.02 -26.73
CA GLN A 476 -0.97 5.80 -27.42
C GLN A 476 -0.34 4.49 -26.95
N SER A 477 0.69 4.57 -26.10
CA SER A 477 1.43 3.38 -25.65
C SER A 477 0.57 2.47 -24.78
N ALA A 478 0.93 1.20 -24.68
CA ALA A 478 0.25 0.29 -23.73
C ALA A 478 0.63 0.62 -22.29
N LEU A 479 -0.36 0.54 -21.40
CA LEU A 479 -0.17 0.85 -19.98
C LEU A 479 0.91 -0.03 -19.33
N ASP A 480 1.97 0.60 -18.84
CA ASP A 480 2.98 -0.05 -18.05
C ASP A 480 2.94 0.58 -16.66
N VAL A 481 2.39 -0.14 -15.68
CA VAL A 481 2.21 0.44 -14.35
C VAL A 481 3.56 0.70 -13.69
N GLY A 482 4.52 -0.20 -13.90
CA GLY A 482 5.88 0.00 -13.46
C GLY A 482 6.43 1.36 -13.83
N LEU A 483 6.15 1.79 -15.06
CA LEU A 483 6.70 3.01 -15.61
C LEU A 483 5.91 4.19 -15.09
N THR A 484 4.60 4.00 -15.05
CA THR A 484 3.68 4.99 -14.49
C THR A 484 3.92 5.31 -13.03
N MET A 485 4.06 4.30 -12.19
CA MET A 485 4.36 4.51 -10.78
C MET A 485 5.66 5.29 -10.61
N GLN A 486 6.65 5.07 -11.50
CA GLN A 486 7.93 5.78 -11.37
C GLN A 486 7.73 7.27 -11.41
N LEU A 487 6.81 7.73 -12.26
CA LEU A 487 6.54 9.14 -12.46
C LEU A 487 5.78 9.76 -11.29
N LEU A 488 5.28 8.91 -10.40
CA LEU A 488 4.53 9.36 -9.23
C LEU A 488 5.34 9.35 -7.94
N ASP A 489 6.61 8.97 -8.02
CA ASP A 489 7.43 8.83 -6.82
C ASP A 489 8.03 10.18 -6.43
N CYS A 490 8.95 10.14 -5.46
CA CYS A 490 9.52 11.36 -4.85
C CYS A 490 10.46 12.15 -5.76
N ASN A 491 10.93 11.48 -6.81
CA ASN A 491 11.79 12.08 -7.83
C ASN A 491 11.05 13.00 -8.81
N PHE A 492 9.75 13.22 -8.62
CA PHE A 492 8.93 13.99 -9.58
C PHE A 492 7.92 14.89 -8.90
N SER A 493 8.05 16.21 -9.06
CA SER A 493 7.22 17.17 -8.38
C SER A 493 6.55 18.13 -9.36
N ASP A 494 6.63 17.81 -10.64
CA ASP A 494 6.03 18.65 -11.61
C ASP A 494 4.66 18.08 -11.92
N GLU A 495 3.66 18.91 -11.73
CA GLU A 495 2.27 18.55 -11.97
C GLU A 495 2.02 17.96 -13.36
N ASN A 496 2.64 18.53 -14.38
CA ASN A 496 2.35 18.13 -15.75
C ASN A 496 3.02 16.79 -16.06
N VAL A 497 4.22 16.59 -15.54
CA VAL A 497 4.87 15.29 -15.62
C VAL A 497 4.04 14.23 -14.92
N ARG A 498 3.71 14.50 -13.67
CA ARG A 498 2.94 13.57 -12.85
C ARG A 498 1.55 13.32 -13.44
N ALA A 499 0.97 14.33 -14.06
CA ALA A 499 -0.35 14.23 -14.64
C ALA A 499 -0.40 13.20 -15.73
N ILE A 500 0.70 13.00 -16.46
CA ILE A 500 0.68 12.05 -17.57
C ILE A 500 0.76 10.62 -17.05
N ALA A 501 1.16 10.47 -15.79
CA ALA A 501 1.14 9.17 -15.13
C ALA A 501 -0.31 8.83 -14.83
N VAL A 502 -0.99 9.74 -14.17
CA VAL A 502 -2.40 9.56 -13.86
C VAL A 502 -3.22 9.37 -15.12
N GLN A 503 -2.96 10.18 -16.13
CA GLN A 503 -3.59 9.99 -17.43
C GLN A 503 -3.59 8.50 -17.80
N LYS A 504 -2.46 7.83 -17.58
CA LYS A 504 -2.32 6.42 -17.94
C LYS A 504 -3.09 5.47 -17.01
N LEU A 505 -3.17 5.81 -15.73
CA LEU A 505 -3.93 5.01 -14.76
C LEU A 505 -5.45 4.99 -15.06
N GLU A 506 -5.91 5.90 -15.90
CA GLU A 506 -7.32 5.97 -16.26
C GLU A 506 -7.77 4.71 -16.98
N SER A 507 -6.87 4.05 -17.71
CA SER A 507 -7.27 2.88 -18.50
C SER A 507 -7.32 1.59 -17.68
N LEU A 508 -6.88 1.66 -16.42
CA LEU A 508 -6.97 0.55 -15.50
C LEU A 508 -8.40 0.17 -15.20
N GLU A 509 -8.73 -1.11 -15.39
CA GLU A 509 -10.03 -1.62 -14.92
C GLU A 509 -10.05 -1.65 -13.38
N ASP A 510 -11.24 -1.63 -12.80
CA ASP A 510 -11.41 -1.57 -11.34
C ASP A 510 -10.66 -2.65 -10.56
N ASP A 511 -10.52 -3.83 -11.17
CA ASP A 511 -9.72 -4.90 -10.61
C ASP A 511 -8.24 -4.52 -10.46
N ASP A 512 -7.70 -3.80 -11.43
CA ASP A 512 -6.29 -3.40 -11.39
C ASP A 512 -6.06 -2.29 -10.41
N VAL A 513 -7.09 -1.53 -10.07
CA VAL A 513 -6.91 -0.41 -9.16
C VAL A 513 -6.70 -0.95 -7.77
N LEU A 514 -7.68 -1.75 -7.37
CA LEU A 514 -7.59 -2.55 -6.16
C LEU A 514 -6.17 -3.10 -5.97
N HIS A 515 -5.61 -3.73 -7.00
CA HIS A 515 -4.22 -4.22 -6.92
C HIS A 515 -3.20 -3.19 -6.49
N TYR A 516 -3.37 -1.91 -6.88
CA TYR A 516 -2.36 -0.88 -6.64
C TYR A 516 -2.86 0.23 -5.73
N LEU A 517 -4.07 0.10 -5.23
CA LEU A 517 -4.70 1.20 -4.52
C LEU A 517 -3.87 1.68 -3.32
N LEU A 518 -3.42 0.74 -2.50
CA LEU A 518 -2.65 1.09 -1.30
C LEU A 518 -1.41 1.90 -1.63
N GLN A 519 -0.70 1.43 -2.64
CA GLN A 519 0.53 2.06 -3.08
C GLN A 519 0.22 3.39 -3.75
N LEU A 520 -0.94 3.49 -4.41
CA LEU A 520 -1.40 4.76 -5.01
C LEU A 520 -1.89 5.73 -3.94
N VAL A 521 -2.54 5.21 -2.91
CA VAL A 521 -2.85 6.06 -1.74
C VAL A 521 -1.55 6.58 -1.09
N GLN A 522 -0.54 5.73 -0.98
CA GLN A 522 0.74 6.15 -0.41
C GLN A 522 1.52 7.15 -1.28
N ALA A 523 1.28 7.14 -2.59
CA ALA A 523 2.02 8.02 -3.50
C ALA A 523 1.52 9.43 -3.44
N VAL A 524 0.37 9.63 -2.80
CA VAL A 524 -0.11 10.97 -2.48
C VAL A 524 0.90 11.66 -1.54
N LYS A 525 1.66 10.89 -0.76
CA LYS A 525 2.66 11.51 0.10
C LYS A 525 3.71 12.29 -0.69
N PHE A 526 3.87 11.98 -1.99
CA PHE A 526 4.90 12.64 -2.85
C PHE A 526 4.39 13.85 -3.62
N GLU A 527 3.08 14.03 -3.67
CA GLU A 527 2.47 15.19 -4.32
C GLU A 527 2.87 16.52 -3.63
N PRO A 528 3.37 17.49 -4.40
CA PRO A 528 3.67 18.78 -3.82
C PRO A 528 2.49 19.49 -3.17
N TYR A 529 1.30 19.35 -3.76
CA TYR A 529 0.10 20.09 -3.38
C TYR A 529 -1.05 19.18 -2.99
N HIS A 530 -1.92 19.67 -2.11
CA HIS A 530 -3.04 18.85 -1.58
C HIS A 530 -4.01 18.42 -2.67
N ASP A 531 -4.39 19.34 -3.53
CA ASP A 531 -5.20 18.99 -4.68
C ASP A 531 -4.25 18.56 -5.79
N SER A 532 -4.44 17.35 -6.31
CA SER A 532 -3.63 16.87 -7.40
C SER A 532 -4.40 15.89 -8.26
N ALA A 533 -3.98 15.71 -9.50
CA ALA A 533 -4.60 14.75 -10.42
C ALA A 533 -4.67 13.33 -9.83
N LEU A 534 -3.70 12.99 -8.98
CA LEU A 534 -3.69 11.70 -8.35
C LEU A 534 -4.79 11.57 -7.26
N ALA A 535 -4.97 12.61 -6.45
CA ALA A 535 -6.03 12.58 -5.43
C ALA A 535 -7.43 12.49 -6.08
N ARG A 536 -7.60 13.16 -7.20
CA ARG A 536 -8.86 13.10 -7.95
C ARG A 536 -9.05 11.79 -8.66
N PHE A 537 -7.97 11.16 -9.07
CA PHE A 537 -8.11 9.86 -9.69
C PHE A 537 -8.61 8.89 -8.63
N LEU A 538 -7.88 8.81 -7.52
CA LEU A 538 -8.31 8.04 -6.36
C LEU A 538 -9.78 8.29 -6.03
N LEU A 539 -10.14 9.57 -5.97
CA LEU A 539 -11.49 9.97 -5.57
C LEU A 539 -12.57 9.50 -6.55
N LYS A 540 -12.44 9.89 -7.81
CA LYS A 540 -13.42 9.52 -8.81
C LYS A 540 -13.44 7.99 -9.01
N ARG A 541 -12.32 7.32 -8.82
CA ARG A 541 -12.32 5.86 -8.92
C ARG A 541 -12.95 5.18 -7.69
N GLY A 542 -12.73 5.74 -6.51
CA GLY A 542 -13.39 5.29 -5.28
C GLY A 542 -14.89 5.46 -5.36
N LEU A 543 -15.33 6.65 -5.75
CA LEU A 543 -16.76 6.92 -5.94
C LEU A 543 -17.47 6.08 -7.00
N ARG A 544 -16.75 5.47 -7.93
CA ARG A 544 -17.37 4.75 -9.05
C ARG A 544 -17.57 3.26 -8.72
N ASN A 545 -16.86 2.78 -7.70
CA ASN A 545 -16.90 1.39 -7.32
C ASN A 545 -16.80 1.26 -5.79
N LYS A 546 -17.86 0.74 -5.19
CA LYS A 546 -17.96 0.54 -3.75
C LYS A 546 -16.80 -0.24 -3.17
N ARG A 547 -16.34 -1.27 -3.88
CA ARG A 547 -15.19 -2.01 -3.40
C ARG A 547 -13.94 -1.10 -3.30
N ILE A 548 -13.57 -0.47 -4.38
CA ILE A 548 -12.51 0.53 -4.32
C ILE A 548 -12.83 1.60 -3.27
N GLY A 549 -14.07 2.07 -3.24
CA GLY A 549 -14.45 3.07 -2.27
C GLY A 549 -14.17 2.64 -0.84
N HIS A 550 -14.45 1.36 -0.56
CA HIS A 550 -14.35 0.80 0.78
C HIS A 550 -12.92 0.86 1.24
N PHE A 551 -12.05 0.22 0.50
CA PHE A 551 -10.65 0.19 0.89
C PHE A 551 -10.03 1.58 0.87
N LEU A 552 -10.38 2.41 -0.13
CA LEU A 552 -9.94 3.79 -0.15
C LEU A 552 -10.17 4.45 1.22
N PHE A 553 -11.36 4.26 1.78
CA PHE A 553 -11.66 4.77 3.12
C PHE A 553 -10.59 4.30 4.12
N TRP A 554 -10.44 2.99 4.22
CA TRP A 554 -9.56 2.39 5.21
C TRP A 554 -8.10 2.71 5.03
N PHE A 555 -7.65 2.85 3.79
CA PHE A 555 -6.25 3.17 3.54
C PHE A 555 -5.99 4.62 3.95
N LEU A 556 -6.94 5.50 3.65
CA LEU A 556 -6.85 6.89 4.07
C LEU A 556 -6.96 7.03 5.60
N ARG A 557 -7.84 6.26 6.21
CA ARG A 557 -8.05 6.37 7.67
C ARG A 557 -6.86 5.84 8.46
N SER A 558 -6.29 4.75 7.97
CA SER A 558 -5.01 4.23 8.50
C SER A 558 -3.96 5.34 8.66
N GLU A 559 -3.79 6.16 7.63
CA GLU A 559 -2.81 7.27 7.63
C GLU A 559 -3.24 8.50 8.43
N ILE A 560 -4.52 8.84 8.40
CA ILE A 560 -5.03 9.97 9.18
C ILE A 560 -4.84 9.75 10.67
N ALA A 561 -4.94 8.49 11.09
CA ALA A 561 -4.91 8.12 12.50
C ALA A 561 -3.50 8.06 13.07
N GLN A 562 -2.48 7.97 12.23
CA GLN A 562 -1.10 7.82 12.73
C GLN A 562 -0.04 8.73 12.09
N SER A 563 -0.31 9.27 10.92
CA SER A 563 0.62 10.19 10.28
C SER A 563 0.25 11.61 10.65
N ARG A 564 1.12 12.30 11.35
CA ARG A 564 0.97 13.74 11.56
C ARG A 564 1.43 14.45 10.29
N HIS A 565 2.41 13.85 9.61
CA HIS A 565 3.00 14.46 8.42
C HIS A 565 2.04 14.55 7.27
N TYR A 566 0.98 13.75 7.25
CA TYR A 566 -0.02 13.81 6.17
C TYR A 566 -1.51 13.62 6.56
N GLN A 567 -1.87 13.60 7.84
CA GLN A 567 -3.29 13.46 8.20
C GLN A 567 -4.19 14.54 7.59
N GLN A 568 -3.69 15.76 7.51
CA GLN A 568 -4.50 16.87 6.99
C GLN A 568 -4.91 16.64 5.55
N ARG A 569 -3.93 16.35 4.70
CA ARG A 569 -4.15 16.14 3.28
C ARG A 569 -5.09 14.97 3.08
N PHE A 570 -4.68 13.82 3.61
CA PHE A 570 -5.47 12.62 3.44
C PHE A 570 -6.88 12.85 3.97
N ALA A 571 -7.02 13.63 5.05
CA ALA A 571 -8.34 13.94 5.62
C ALA A 571 -9.22 14.70 4.64
N VAL A 572 -8.66 15.73 4.01
CA VAL A 572 -9.43 16.47 3.03
C VAL A 572 -9.89 15.52 1.93
N ILE A 573 -9.03 14.59 1.54
CA ILE A 573 -9.34 13.67 0.45
C ILE A 573 -10.45 12.72 0.85
N LEU A 574 -10.40 12.23 2.09
CA LEU A 574 -11.38 11.23 2.56
C LEU A 574 -12.75 11.88 2.71
N GLU A 575 -12.77 13.11 3.20
CA GLU A 575 -14.02 13.83 3.34
C GLU A 575 -14.70 13.86 1.99
N ALA A 576 -14.01 14.42 1.00
CA ALA A 576 -14.46 14.38 -0.40
C ALA A 576 -15.06 13.02 -0.83
N TYR A 577 -14.47 11.90 -0.42
CA TYR A 577 -15.06 10.58 -0.75
C TYR A 577 -16.34 10.39 0.02
N LEU A 578 -16.29 10.69 1.31
CA LEU A 578 -17.43 10.46 2.18
C LEU A 578 -18.65 11.27 1.72
N ARG A 579 -18.42 12.51 1.31
CA ARG A 579 -19.51 13.36 0.78
C ARG A 579 -20.12 12.88 -0.53
N GLY A 580 -19.57 11.81 -1.10
CA GLY A 580 -20.10 11.24 -2.35
C GLY A 580 -20.40 9.75 -2.36
N CYS A 581 -20.05 9.04 -1.28
CA CYS A 581 -20.17 7.56 -1.28
C CYS A 581 -21.62 7.08 -1.23
N GLY A 582 -22.48 7.85 -0.57
CA GLY A 582 -23.91 7.52 -0.45
C GLY A 582 -24.24 7.15 0.99
N THR A 583 -25.50 7.37 1.37
CA THR A 583 -25.96 7.15 2.75
C THR A 583 -25.72 5.75 3.27
N ALA A 584 -25.88 4.74 2.42
CA ALA A 584 -25.75 3.36 2.87
C ALA A 584 -24.30 3.09 3.29
N MET A 585 -23.34 3.55 2.48
CA MET A 585 -21.93 3.38 2.83
C MET A 585 -21.54 4.18 4.08
N LEU A 586 -21.97 5.43 4.17
CA LEU A 586 -21.76 6.26 5.37
C LEU A 586 -22.19 5.51 6.61
N HIS A 587 -23.46 5.12 6.63
CA HIS A 587 -24.04 4.28 7.68
C HIS A 587 -23.22 3.04 7.88
N ASP A 588 -22.81 2.43 6.78
CA ASP A 588 -21.98 1.24 6.86
C ASP A 588 -20.67 1.60 7.58
N PHE A 589 -20.00 2.65 7.13
CA PHE A 589 -18.71 3.07 7.73
C PHE A 589 -18.87 3.41 9.19
N THR A 590 -19.93 4.14 9.52
CA THR A 590 -20.22 4.48 10.90
C THR A 590 -20.26 3.22 11.77
N GLN A 591 -20.91 2.17 11.27
CA GLN A 591 -20.98 0.90 11.98
C GLN A 591 -19.60 0.31 12.16
N GLN A 592 -18.85 0.26 11.07
CA GLN A 592 -17.54 -0.38 11.07
C GLN A 592 -16.60 0.32 12.05
N VAL A 593 -16.69 1.63 12.13
CA VAL A 593 -15.76 2.41 12.95
C VAL A 593 -16.09 2.20 14.42
N GLN A 594 -17.39 2.24 14.73
CA GLN A 594 -17.87 2.04 16.10
C GLN A 594 -17.37 0.73 16.68
N VAL A 595 -17.64 -0.37 15.97
CA VAL A 595 -17.14 -1.71 16.35
C VAL A 595 -15.64 -1.69 16.66
N ILE A 596 -14.82 -1.31 15.67
CA ILE A 596 -13.37 -1.41 15.84
C ILE A 596 -12.85 -0.46 16.95
N GLU A 597 -13.63 0.56 17.29
CA GLU A 597 -13.28 1.46 18.39
C GLU A 597 -13.63 0.83 19.74
N MET A 598 -14.68 0.01 19.75
CA MET A 598 -15.03 -0.77 20.94
C MET A 598 -14.01 -1.86 21.18
N LEU A 599 -13.70 -2.61 20.14
CA LEU A 599 -12.72 -3.71 20.23
C LEU A 599 -11.30 -3.22 20.54
N GLN A 600 -10.94 -2.02 20.05
CA GLN A 600 -9.68 -1.36 20.41
C GLN A 600 -9.60 -1.19 21.92
N LYS A 601 -10.63 -0.57 22.49
CA LYS A 601 -10.68 -0.36 23.94
C LYS A 601 -10.31 -1.65 24.67
N VAL A 602 -11.06 -2.71 24.37
CA VAL A 602 -10.91 -3.99 25.07
C VAL A 602 -9.51 -4.54 24.88
N THR A 603 -9.00 -4.48 23.65
CA THR A 603 -7.63 -4.91 23.39
C THR A 603 -6.63 -4.09 24.20
N LEU A 604 -6.79 -2.76 24.19
CA LEU A 604 -5.88 -1.87 24.92
C LEU A 604 -5.99 -2.03 26.44
N ASP A 605 -7.22 -2.05 26.94
CA ASP A 605 -7.48 -2.23 28.37
C ASP A 605 -6.93 -3.54 28.93
N ILE A 606 -7.01 -4.62 28.13
CA ILE A 606 -6.48 -5.93 28.53
C ILE A 606 -4.96 -5.95 28.51
N LYS A 607 -4.37 -5.24 27.56
CA LYS A 607 -2.93 -5.14 27.48
C LYS A 607 -2.35 -4.38 28.70
N SER A 608 -3.17 -3.52 29.32
CA SER A 608 -2.79 -2.82 30.56
C SER A 608 -2.86 -3.72 31.79
N LEU A 609 -3.55 -4.85 31.67
CA LEU A 609 -3.67 -5.86 32.73
C LEU A 609 -2.64 -7.01 32.58
N SER A 610 -1.49 -6.73 31.98
CA SER A 610 -0.52 -7.76 31.64
C SER A 610 0.85 -7.46 32.26
N ASP A 615 3.62 -13.26 31.01
CA ASP A 615 3.45 -13.68 29.63
C ASP A 615 2.27 -14.61 29.40
N VAL A 616 1.79 -15.27 30.45
CA VAL A 616 0.60 -16.12 30.37
C VAL A 616 -0.45 -15.60 31.35
N SER A 617 -1.72 -15.94 31.12
CA SER A 617 -2.85 -15.31 31.83
C SER A 617 -3.75 -16.29 32.56
N SER A 618 -4.29 -15.86 33.71
CA SER A 618 -5.14 -16.70 34.57
C SER A 618 -6.49 -16.04 34.84
N GLN A 619 -6.47 -14.91 35.56
CA GLN A 619 -7.68 -14.15 35.88
C GLN A 619 -8.19 -13.40 34.65
N VAL A 620 -7.29 -13.13 33.71
CA VAL A 620 -7.59 -12.33 32.53
C VAL A 620 -8.53 -13.04 31.55
N ILE A 621 -8.39 -14.36 31.41
CA ILE A 621 -9.19 -15.13 30.45
C ILE A 621 -10.70 -14.96 30.61
N SER A 622 -11.16 -14.71 31.84
CA SER A 622 -12.58 -14.40 32.07
C SER A 622 -12.85 -12.89 32.26
N GLN A 623 -11.79 -12.13 32.54
CA GLN A 623 -11.86 -10.66 32.47
C GLN A 623 -12.01 -10.19 31.00
N LEU A 624 -11.45 -10.94 30.06
CA LEU A 624 -11.69 -10.68 28.63
C LEU A 624 -13.15 -10.95 28.29
N LYS A 625 -13.59 -12.17 28.61
CA LYS A 625 -14.93 -12.62 28.27
C LYS A 625 -16.03 -11.83 28.99
N GLN A 626 -15.71 -11.24 30.13
CA GLN A 626 -16.61 -10.32 30.83
C GLN A 626 -16.92 -9.13 29.92
N LYS A 627 -15.88 -8.44 29.47
CA LYS A 627 -16.02 -7.22 28.67
C LYS A 627 -16.66 -7.46 27.30
N LEU A 628 -16.40 -8.63 26.70
CA LEU A 628 -16.99 -8.98 25.41
C LEU A 628 -18.50 -9.14 25.57
N GLU A 629 -18.91 -9.97 26.53
CA GLU A 629 -20.32 -10.17 26.86
C GLU A 629 -21.01 -8.82 27.08
N ASN A 630 -20.32 -7.90 27.74
CA ASN A 630 -20.86 -6.57 27.94
C ASN A 630 -21.22 -5.91 26.61
N LEU A 631 -20.24 -5.72 25.74
CA LEU A 631 -20.47 -5.08 24.44
C LEU A 631 -21.59 -5.70 23.61
N GLN A 632 -21.66 -7.03 23.59
CA GLN A 632 -22.75 -7.74 22.91
C GLN A 632 -24.13 -7.09 23.13
N ASN A 633 -24.41 -6.65 24.36
CA ASN A 633 -25.67 -5.96 24.67
C ASN A 633 -25.53 -4.51 25.21
N SER A 634 -24.29 -4.05 25.39
CA SER A 634 -24.05 -2.67 25.79
C SER A 634 -24.19 -1.72 24.60
N GLN A 635 -23.48 -2.00 23.50
CA GLN A 635 -23.61 -1.19 22.29
C GLN A 635 -23.06 -1.81 20.98
N LEU A 636 -22.71 -3.09 20.98
CA LEU A 636 -22.22 -3.76 19.75
C LEU A 636 -23.36 -3.90 18.72
N PRO A 637 -23.15 -3.40 17.49
CA PRO A 637 -24.19 -3.56 16.48
C PRO A 637 -24.35 -5.02 16.09
N GLU A 638 -25.58 -5.41 15.79
CA GLU A 638 -25.91 -6.79 15.46
C GLU A 638 -25.16 -7.31 14.24
N SER A 639 -24.60 -6.38 13.45
CA SER A 639 -23.78 -6.73 12.28
C SER A 639 -22.89 -5.58 11.79
N PHE A 640 -21.63 -5.89 11.54
CA PHE A 640 -20.71 -4.95 10.92
C PHE A 640 -20.01 -5.63 9.76
N ARG A 641 -19.52 -4.82 8.83
CA ARG A 641 -18.77 -5.29 7.68
C ARG A 641 -17.34 -5.50 8.05
N VAL A 642 -16.72 -6.53 7.47
CA VAL A 642 -15.36 -6.91 7.83
C VAL A 642 -14.42 -6.03 7.00
N PRO A 643 -13.75 -5.05 7.65
CA PRO A 643 -12.97 -4.08 6.87
C PRO A 643 -12.02 -4.67 5.83
N TYR A 644 -11.38 -5.80 6.17
CA TYR A 644 -10.46 -6.44 5.22
C TYR A 644 -11.15 -7.33 4.19
N ASP A 645 -12.45 -7.55 4.36
CA ASP A 645 -13.23 -8.30 3.39
C ASP A 645 -14.67 -7.79 3.41
N PRO A 646 -14.95 -6.71 2.65
CA PRO A 646 -16.25 -6.03 2.68
C PRO A 646 -17.45 -6.86 2.23
N GLY A 647 -17.22 -7.93 1.48
CA GLY A 647 -18.31 -8.80 1.07
C GLY A 647 -18.94 -9.56 2.22
N LEU A 648 -18.25 -9.63 3.36
CA LEU A 648 -18.73 -10.35 4.54
C LEU A 648 -19.22 -9.40 5.61
N LYS A 649 -20.47 -9.58 6.05
CA LYS A 649 -20.94 -8.96 7.29
C LYS A 649 -20.75 -9.96 8.44
N ALA A 650 -20.11 -9.50 9.52
CA ALA A 650 -19.98 -10.29 10.76
C ALA A 650 -21.06 -9.83 11.72
N GLY A 651 -21.54 -10.73 12.56
CA GLY A 651 -22.56 -10.39 13.54
C GLY A 651 -22.19 -10.83 14.95
N ALA A 652 -22.96 -11.77 15.49
CA ALA A 652 -22.83 -12.20 16.88
C ALA A 652 -21.39 -12.62 17.23
N LEU A 653 -20.91 -12.16 18.38
CA LEU A 653 -19.63 -12.62 18.94
C LEU A 653 -19.76 -14.05 19.47
N ALA A 654 -18.80 -14.90 19.14
CA ALA A 654 -18.66 -16.23 19.76
C ALA A 654 -17.74 -16.10 20.98
N ILE A 655 -18.32 -15.68 22.11
CA ILE A 655 -17.53 -15.35 23.30
C ILE A 655 -16.69 -16.55 23.72
N GLU A 656 -17.34 -17.71 23.67
CA GLU A 656 -16.75 -19.03 23.96
C GLU A 656 -15.41 -19.25 23.25
N LYS A 657 -15.32 -18.78 22.00
CA LYS A 657 -14.15 -18.99 21.14
C LYS A 657 -13.09 -17.87 21.23
N CYS A 658 -13.43 -16.76 21.88
CA CYS A 658 -12.54 -15.62 21.99
C CYS A 658 -11.45 -15.84 23.03
N LYS A 659 -10.20 -15.56 22.68
CA LYS A 659 -9.10 -15.74 23.63
C LYS A 659 -8.05 -14.66 23.44
N VAL A 660 -6.96 -14.72 24.21
CA VAL A 660 -5.90 -13.74 24.18
C VAL A 660 -4.54 -14.42 24.17
N MET A 661 -3.69 -14.04 23.24
CA MET A 661 -2.41 -14.73 23.09
C MET A 661 -1.58 -14.63 24.35
N ALA A 662 -0.83 -15.69 24.65
CA ALA A 662 0.23 -15.64 25.65
C ALA A 662 1.49 -15.08 24.98
N SER A 663 1.43 -13.80 24.61
CA SER A 663 2.49 -13.11 23.89
C SER A 663 2.86 -11.83 24.63
N LYS A 664 3.90 -11.15 24.17
CA LYS A 664 4.31 -9.89 24.77
C LYS A 664 3.44 -8.70 24.32
N LYS A 665 2.46 -8.95 23.46
CA LYS A 665 1.61 -7.89 22.93
C LYS A 665 0.09 -8.15 23.09
N LYS A 666 -0.27 -9.22 23.79
CA LYS A 666 -1.66 -9.66 24.02
C LYS A 666 -2.65 -9.24 22.93
N PRO A 667 -2.49 -9.79 21.72
CA PRO A 667 -3.52 -9.62 20.69
C PRO A 667 -4.79 -10.42 21.01
N LEU A 668 -5.96 -9.86 20.68
CA LEU A 668 -7.22 -10.58 20.86
C LEU A 668 -7.54 -11.45 19.67
N TRP A 669 -7.70 -12.74 19.89
CA TRP A 669 -8.29 -13.65 18.91
C TRP A 669 -9.78 -13.60 19.10
N LEU A 670 -10.52 -13.06 18.13
CA LEU A 670 -11.98 -12.92 18.23
C LEU A 670 -12.70 -13.69 17.15
N GLU A 671 -13.89 -14.18 17.45
CA GLU A 671 -14.68 -14.87 16.45
C GLU A 671 -16.13 -14.41 16.46
N PHE A 672 -16.71 -14.43 15.27
CA PHE A 672 -18.01 -13.87 15.03
C PHE A 672 -18.81 -14.85 14.18
N LYS A 673 -20.09 -14.99 14.51
CA LYS A 673 -21.03 -15.59 13.60
C LYS A 673 -21.28 -14.61 12.45
N CYS A 674 -21.41 -15.16 11.24
CA CYS A 674 -21.76 -14.40 10.05
C CYS A 674 -23.22 -13.97 10.13
N ALA A 675 -23.47 -12.68 9.88
CA ALA A 675 -24.83 -12.13 9.95
C ALA A 675 -25.78 -12.61 8.84
N ASP A 676 -25.23 -13.16 7.75
CA ASP A 676 -26.04 -13.59 6.61
C ASP A 676 -26.63 -14.97 6.88
N PRO A 677 -27.96 -15.05 7.02
CA PRO A 677 -28.61 -16.33 7.32
C PRO A 677 -28.33 -17.38 6.25
N THR A 678 -28.08 -16.94 5.03
CA THR A 678 -27.99 -17.81 3.88
C THR A 678 -26.57 -18.34 3.63
N ALA A 679 -25.66 -18.15 4.60
CA ALA A 679 -24.32 -18.71 4.51
C ALA A 679 -24.40 -20.23 4.59
N LEU A 680 -23.75 -20.91 3.65
CA LEU A 680 -23.84 -22.38 3.57
C LEU A 680 -23.15 -23.07 4.74
N SER A 681 -22.12 -22.41 5.27
CA SER A 681 -21.39 -22.92 6.43
C SER A 681 -21.78 -22.12 7.66
N ASN A 682 -21.19 -22.49 8.77
CA ASN A 682 -21.26 -21.70 9.99
C ASN A 682 -19.86 -21.56 10.56
N GLU A 683 -18.86 -21.54 9.67
CA GLU A 683 -17.52 -21.14 10.06
C GLU A 683 -17.65 -19.74 10.62
N THR A 684 -17.03 -19.51 11.78
CA THR A 684 -17.00 -18.17 12.33
C THR A 684 -16.18 -17.27 11.41
N ILE A 685 -16.33 -15.97 11.60
CA ILE A 685 -15.46 -15.00 10.96
C ILE A 685 -14.44 -14.70 12.00
N GLY A 686 -13.16 -14.79 11.65
CA GLY A 686 -12.10 -14.71 12.66
C GLY A 686 -11.21 -13.49 12.58
N ILE A 687 -11.41 -12.52 13.47
CA ILE A 687 -10.54 -11.36 13.50
C ILE A 687 -9.55 -11.40 14.68
N ILE A 688 -8.26 -11.20 14.38
CA ILE A 688 -7.27 -10.88 15.42
C ILE A 688 -7.11 -9.37 15.54
N PHE A 689 -7.20 -8.88 16.77
CA PHE A 689 -6.98 -7.47 17.10
C PHE A 689 -5.70 -7.36 17.93
N LYS A 690 -4.79 -6.48 17.53
CA LYS A 690 -3.45 -6.45 18.12
C LYS A 690 -3.00 -5.01 18.28
N HIS A 691 -2.20 -4.76 19.33
CA HIS A 691 -1.54 -3.48 19.51
C HIS A 691 -0.07 -3.73 19.71
N GLY A 692 0.76 -2.76 19.32
CA GLY A 692 2.20 -2.86 19.55
C GLY A 692 3.03 -3.17 18.32
N ASP A 693 2.37 -3.54 17.23
CA ASP A 693 3.01 -3.65 15.91
C ASP A 693 2.46 -2.56 14.98
N ASP A 694 3.30 -2.11 14.05
CA ASP A 694 2.91 -1.14 13.04
C ASP A 694 2.39 -1.90 11.81
N LEU A 695 1.07 -2.04 11.72
CA LEU A 695 0.48 -2.90 10.69
C LEU A 695 0.47 -2.30 9.30
N ARG A 696 0.84 -1.03 9.16
CA ARG A 696 1.03 -0.45 7.84
C ARG A 696 2.09 -1.19 7.06
N GLN A 697 3.20 -1.50 7.70
CA GLN A 697 4.24 -2.31 7.07
C GLN A 697 3.65 -3.65 6.61
N ASP A 698 2.81 -4.27 7.43
CA ASP A 698 2.15 -5.49 7.02
C ASP A 698 1.22 -5.31 5.82
N MET A 699 0.52 -4.18 5.77
CA MET A 699 -0.42 -3.94 4.67
C MET A 699 0.33 -3.96 3.34
N LEU A 700 1.41 -3.18 3.31
CA LEU A 700 2.30 -3.04 2.17
C LEU A 700 2.92 -4.39 1.70
N ILE A 701 3.42 -5.22 2.61
CA ILE A 701 3.98 -6.53 2.18
C ILE A 701 2.90 -7.48 1.64
N LEU A 702 1.77 -7.54 2.34
CA LEU A 702 0.64 -8.33 1.89
C LEU A 702 0.13 -7.90 0.51
N GLN A 703 0.21 -6.60 0.23
CA GLN A 703 -0.28 -6.08 -1.05
C GLN A 703 0.69 -6.38 -2.18
N ILE A 704 1.98 -6.27 -1.90
CA ILE A 704 3.00 -6.64 -2.85
C ILE A 704 2.87 -8.13 -3.18
N LEU A 705 2.60 -8.96 -2.16
CA LEU A 705 2.41 -10.39 -2.38
C LEU A 705 1.26 -10.64 -3.36
N ARG A 706 0.19 -9.86 -3.22
CA ARG A 706 -0.94 -9.98 -4.11
C ARG A 706 -0.57 -9.56 -5.53
N ILE A 707 0.35 -8.61 -5.65
CA ILE A 707 0.77 -8.17 -6.96
C ILE A 707 1.65 -9.25 -7.57
N MET A 708 2.49 -9.88 -6.76
CA MET A 708 3.30 -10.97 -7.24
C MET A 708 2.43 -12.08 -7.81
N GLU A 709 1.31 -12.36 -7.16
CA GLU A 709 0.39 -13.42 -7.60
C GLU A 709 -0.21 -13.14 -8.96
N SER A 710 -0.68 -11.92 -9.16
CA SER A 710 -1.28 -11.54 -10.44
C SER A 710 -0.27 -11.51 -11.60
N ILE A 711 0.99 -11.21 -11.27
CA ILE A 711 2.12 -11.35 -12.23
C ILE A 711 2.30 -12.80 -12.62
N TRP A 712 2.43 -13.65 -11.61
CA TRP A 712 2.51 -15.07 -11.84
C TRP A 712 1.33 -15.59 -12.59
N GLU A 713 0.15 -15.02 -12.33
CA GLU A 713 -1.08 -15.36 -13.06
C GLU A 713 -0.95 -15.11 -14.57
N THR A 714 -0.30 -14.00 -14.94
CA THR A 714 -0.10 -13.65 -16.35
C THR A 714 0.88 -14.62 -17.04
N GLU A 715 1.55 -15.46 -16.25
CA GLU A 715 2.37 -16.54 -16.80
C GLU A 715 1.87 -17.91 -16.32
N SER A 716 0.56 -18.01 -16.08
CA SER A 716 -0.08 -19.27 -15.74
C SER A 716 0.60 -20.00 -14.58
N LEU A 717 1.18 -19.22 -13.67
CA LEU A 717 1.80 -19.73 -12.48
C LEU A 717 0.93 -19.35 -11.29
N ASP A 718 0.54 -20.35 -10.52
CA ASP A 718 -0.12 -20.17 -9.25
C ASP A 718 0.88 -20.65 -8.22
N LEU A 719 1.10 -19.87 -7.16
CA LEU A 719 1.95 -20.33 -6.07
C LEU A 719 1.24 -20.32 -4.73
N CYS A 720 -0.10 -20.24 -4.78
CA CYS A 720 -0.95 -20.48 -3.62
C CYS A 720 -0.50 -19.74 -2.36
N LEU A 721 -0.04 -18.50 -2.55
CA LEU A 721 0.31 -17.63 -1.45
C LEU A 721 -0.95 -17.40 -0.64
N LEU A 722 -0.79 -16.94 0.59
CA LEU A 722 -1.93 -16.63 1.45
C LEU A 722 -1.79 -15.24 2.07
N PRO A 723 -1.98 -14.19 1.24
CA PRO A 723 -1.99 -12.82 1.70
C PRO A 723 -3.26 -12.52 2.52
N TYR A 724 -3.24 -12.92 3.78
CA TYR A 724 -4.40 -12.72 4.64
C TYR A 724 -4.69 -11.22 4.78
N GLY A 725 -5.96 -10.87 5.02
CA GLY A 725 -6.35 -9.47 5.22
C GLY A 725 -5.72 -8.82 6.44
N CYS A 726 -5.54 -7.51 6.36
CA CYS A 726 -4.82 -6.78 7.38
C CYS A 726 -5.10 -5.33 7.13
N ILE A 727 -5.71 -4.65 8.08
CA ILE A 727 -5.92 -3.21 8.00
C ILE A 727 -5.40 -2.55 9.26
N SER A 728 -4.46 -1.61 9.13
CA SER A 728 -4.08 -0.78 10.25
C SER A 728 -5.16 0.27 10.41
N THR A 729 -5.67 0.40 11.63
CA THR A 729 -6.78 1.30 11.96
C THR A 729 -6.37 2.49 12.82
N GLY A 730 -5.17 2.45 13.38
CA GLY A 730 -4.71 3.52 14.25
C GLY A 730 -3.27 3.40 14.71
N ASP A 731 -2.95 4.18 15.73
CA ASP A 731 -1.60 4.32 16.27
C ASP A 731 -1.07 2.98 16.84
N LYS A 732 -0.31 2.27 16.02
CA LYS A 732 0.27 0.96 16.36
C LYS A 732 -0.78 -0.14 16.60
N ILE A 733 -2.00 0.06 16.09
CA ILE A 733 -3.09 -0.89 16.32
C ILE A 733 -3.77 -1.28 14.99
N GLY A 734 -4.43 -2.45 14.99
CA GLY A 734 -5.13 -2.93 13.79
C GLY A 734 -5.58 -4.37 13.83
N MET A 735 -6.19 -4.81 12.72
CA MET A 735 -6.86 -6.09 12.65
C MET A 735 -6.29 -6.99 11.56
N ILE A 736 -6.40 -8.32 11.76
CA ILE A 736 -5.79 -9.33 10.89
C ILE A 736 -6.73 -10.53 10.69
N GLU A 737 -6.75 -11.09 9.49
CA GLU A 737 -7.68 -12.19 9.21
C GLU A 737 -7.16 -13.47 9.85
N ILE A 738 -8.00 -14.12 10.65
CA ILE A 738 -7.66 -15.44 11.15
C ILE A 738 -7.85 -16.45 10.04
N VAL A 739 -6.79 -17.15 9.70
CA VAL A 739 -6.84 -18.21 8.70
C VAL A 739 -7.21 -19.49 9.42
N LYS A 740 -8.32 -20.08 9.01
CA LYS A 740 -8.87 -21.27 9.66
C LYS A 740 -7.97 -22.49 9.46
N ASP A 741 -8.08 -23.44 10.39
CA ASP A 741 -7.34 -24.70 10.32
C ASP A 741 -5.84 -24.46 10.06
N ALA A 742 -5.24 -23.53 10.79
CA ALA A 742 -3.84 -23.14 10.55
C ALA A 742 -3.05 -23.20 11.84
N THR A 743 -1.83 -23.71 11.76
CA THR A 743 -0.97 -23.77 12.94
C THR A 743 0.41 -23.25 12.54
N THR A 744 1.19 -22.81 13.52
CA THR A 744 2.58 -22.40 13.26
C THR A 744 3.44 -23.64 13.00
N ILE A 745 4.54 -23.46 12.28
CA ILE A 745 5.56 -24.49 12.17
C ILE A 745 6.22 -24.77 13.54
N ALA A 746 6.42 -23.72 14.34
CA ALA A 746 7.00 -23.85 15.67
C ALA A 746 6.24 -24.81 16.57
N LYS A 747 4.92 -24.60 16.66
CA LYS A 747 4.07 -25.41 17.53
C LYS A 747 3.97 -26.86 17.06
N ILE A 748 4.08 -27.09 15.74
CA ILE A 748 4.12 -28.46 15.22
C ILE A 748 5.38 -29.14 15.71
N GLN A 749 6.48 -28.40 15.74
CA GLN A 749 7.73 -28.92 16.29
C GLN A 749 7.63 -29.14 17.81
N GLN A 750 7.04 -28.18 18.52
CA GLN A 750 6.89 -28.29 19.98
C GLN A 750 5.81 -29.30 20.42
N SER A 751 5.20 -30.03 19.48
CA SER A 751 4.15 -31.02 19.80
C SER A 751 4.60 -32.47 19.60
N THR A 752 5.19 -32.77 18.44
CA THR A 752 5.67 -34.13 18.12
C THR A 752 7.10 -34.38 18.62
N VAL A 753 7.85 -33.31 18.87
CA VAL A 753 9.15 -33.38 19.54
C VAL A 753 9.04 -32.90 21.00
N GLY A 754 8.12 -31.98 21.25
CA GLY A 754 7.82 -31.52 22.61
C GLY A 754 8.67 -30.33 23.00
N ASN A 755 9.76 -30.60 23.71
CA ASN A 755 10.69 -29.55 24.20
C ASN A 755 11.07 -28.51 23.13
N THR A 756 11.30 -27.27 23.56
CA THR A 756 11.56 -26.15 22.64
C THR A 756 13.03 -26.06 22.16
N GLY A 757 13.93 -26.81 22.80
CA GLY A 757 15.34 -26.86 22.39
C GLY A 757 15.55 -27.47 21.01
N ALA A 758 15.30 -28.78 20.93
CA ALA A 758 15.61 -29.57 19.74
C ALA A 758 14.69 -29.28 18.56
N PHE A 759 15.01 -29.90 17.43
CA PHE A 759 14.12 -29.94 16.24
C PHE A 759 14.22 -31.32 15.59
N LYS A 760 13.29 -31.62 14.68
CA LYS A 760 13.34 -32.87 13.91
C LYS A 760 12.58 -32.76 12.58
N ASP A 761 12.87 -33.67 11.66
CA ASP A 761 12.48 -33.54 10.26
C ASP A 761 11.12 -34.14 9.94
N GLU A 762 10.82 -35.30 10.51
CA GLU A 762 9.62 -36.07 10.16
C GLU A 762 8.32 -35.37 10.58
N VAL A 763 8.41 -34.63 11.68
CA VAL A 763 7.25 -34.03 12.35
C VAL A 763 6.24 -33.33 11.44
N LEU A 764 6.72 -32.54 10.48
CA LEU A 764 5.83 -31.74 9.63
C LEU A 764 5.06 -32.62 8.64
N ASN A 765 5.76 -33.56 8.00
CA ASN A 765 5.07 -34.54 7.15
C ASN A 765 4.11 -35.40 7.98
N HIS A 766 4.53 -35.72 9.20
CA HIS A 766 3.72 -36.50 10.13
C HIS A 766 2.47 -35.80 10.56
N TRP A 767 2.58 -34.49 10.77
CA TRP A 767 1.43 -33.66 11.12
C TRP A 767 0.48 -33.54 9.97
N LEU A 768 1.03 -33.47 8.76
CA LEU A 768 0.21 -33.36 7.55
C LEU A 768 -0.63 -34.62 7.33
N LYS A 769 0.00 -35.78 7.47
CA LYS A 769 -0.71 -37.05 7.25
C LYS A 769 -1.86 -37.18 8.23
N GLU A 770 -1.61 -36.82 9.49
CA GLU A 770 -2.64 -36.81 10.54
C GLU A 770 -3.84 -35.92 10.21
N LYS A 771 -3.60 -34.81 9.50
CA LYS A 771 -4.66 -33.88 9.10
C LYS A 771 -5.27 -34.20 7.73
N SER A 772 -4.66 -35.12 6.99
CA SER A 772 -5.18 -35.56 5.70
C SER A 772 -5.95 -36.86 5.89
N PRO A 773 -7.29 -36.82 5.79
CA PRO A 773 -8.06 -38.05 6.02
C PRO A 773 -7.66 -39.19 5.07
N THR A 774 -7.64 -38.89 3.77
CA THR A 774 -7.28 -39.89 2.75
C THR A 774 -5.86 -39.62 2.25
N GLU A 775 -5.28 -40.58 1.53
CA GLU A 775 -3.99 -40.37 0.87
C GLU A 775 -4.14 -39.27 -0.18
N GLU A 776 -5.29 -39.26 -0.88
CA GLU A 776 -5.56 -38.27 -1.93
C GLU A 776 -5.24 -36.86 -1.43
N LYS A 777 -5.84 -36.49 -0.31
CA LYS A 777 -5.66 -35.17 0.26
C LYS A 777 -4.28 -34.97 0.87
N PHE A 778 -3.62 -36.04 1.31
CA PHE A 778 -2.23 -35.94 1.77
C PHE A 778 -1.31 -35.54 0.63
N GLN A 779 -1.52 -36.12 -0.55
CA GLN A 779 -0.71 -35.76 -1.72
C GLN A 779 -1.11 -34.39 -2.29
N ALA A 780 -2.37 -34.01 -2.13
CA ALA A 780 -2.82 -32.67 -2.47
C ALA A 780 -2.06 -31.62 -1.65
N ALA A 781 -1.76 -31.97 -0.40
CA ALA A 781 -1.03 -31.11 0.54
C ALA A 781 0.45 -30.97 0.17
N VAL A 782 1.12 -32.09 -0.05
CA VAL A 782 2.54 -32.05 -0.37
C VAL A 782 2.78 -31.23 -1.64
N GLU A 783 1.83 -31.26 -2.59
CA GLU A 783 1.87 -30.41 -3.79
C GLU A 783 1.69 -28.92 -3.42
N ARG A 784 0.52 -28.60 -2.86
CA ARG A 784 0.25 -27.28 -2.30
C ARG A 784 1.44 -26.78 -1.44
N PHE A 785 2.09 -27.68 -0.71
CA PHE A 785 3.27 -27.32 0.09
C PHE A 785 4.50 -26.96 -0.77
N VAL A 786 4.74 -27.72 -1.83
CA VAL A 786 5.84 -27.42 -2.75
C VAL A 786 5.61 -26.05 -3.41
N TYR A 787 4.39 -25.82 -3.90
CA TYR A 787 4.05 -24.51 -4.48
C TYR A 787 4.20 -23.40 -3.44
N SER A 788 3.46 -23.51 -2.36
CA SER A 788 3.45 -22.49 -1.31
C SER A 788 4.84 -22.24 -0.75
N CYS A 789 5.62 -23.29 -0.57
CA CYS A 789 7.00 -23.13 -0.13
C CYS A 789 7.74 -22.32 -1.18
N ALA A 790 7.44 -22.59 -2.43
CA ALA A 790 8.11 -21.92 -3.54
C ALA A 790 7.70 -20.44 -3.59
N GLY A 791 6.39 -20.19 -3.66
CA GLY A 791 5.85 -18.85 -3.60
C GLY A 791 6.50 -17.98 -2.55
N TYR A 792 6.50 -18.46 -1.32
CA TYR A 792 7.08 -17.69 -0.21
C TYR A 792 8.63 -17.64 -0.19
N CYS A 793 9.31 -18.65 -0.71
CA CYS A 793 10.77 -18.57 -0.76
C CYS A 793 11.19 -17.46 -1.72
N VAL A 794 10.51 -17.38 -2.87
CA VAL A 794 10.80 -16.38 -3.89
C VAL A 794 10.33 -15.01 -3.43
N ALA A 795 9.08 -14.96 -3.01
CA ALA A 795 8.47 -13.75 -2.48
C ALA A 795 9.30 -13.08 -1.42
N THR A 796 9.92 -13.86 -0.54
CA THR A 796 10.60 -13.28 0.62
C THR A 796 12.06 -12.97 0.33
N PHE A 797 12.65 -13.69 -0.62
CA PHE A 797 14.03 -13.40 -1.01
C PHE A 797 14.08 -12.06 -1.71
N VAL A 798 13.10 -11.85 -2.58
CA VAL A 798 13.05 -10.62 -3.36
C VAL A 798 12.88 -9.44 -2.43
N LEU A 799 11.95 -9.57 -1.49
CA LEU A 799 11.62 -8.48 -0.57
C LEU A 799 12.55 -8.42 0.64
N GLY A 800 13.50 -9.34 0.72
CA GLY A 800 14.54 -9.29 1.75
C GLY A 800 14.02 -9.61 3.15
N ILE A 801 13.10 -10.56 3.24
CA ILE A 801 12.50 -10.89 4.54
C ILE A 801 12.36 -12.42 4.72
N GLY A 802 13.26 -13.17 4.07
CA GLY A 802 13.20 -14.64 4.11
C GLY A 802 13.70 -15.24 5.41
N ASP A 803 14.70 -14.63 6.02
CA ASP A 803 15.25 -15.10 7.29
C ASP A 803 14.21 -14.91 8.42
N ARG A 804 13.43 -15.96 8.65
CA ARG A 804 12.26 -15.91 9.53
C ARG A 804 12.26 -16.96 10.63
N HIS A 805 12.33 -16.48 11.87
CA HIS A 805 11.88 -17.24 13.04
C HIS A 805 10.66 -18.04 12.65
N ASN A 806 10.62 -19.34 12.98
CA ASN A 806 9.57 -20.23 12.41
C ASN A 806 8.25 -20.38 13.19
N ASP A 807 8.10 -19.62 14.28
CA ASP A 807 6.78 -19.41 14.87
C ASP A 807 6.05 -18.30 14.10
N ASN A 808 6.76 -17.67 13.16
CA ASN A 808 6.17 -16.71 12.21
C ASN A 808 5.97 -17.31 10.81
N ILE A 809 6.01 -18.65 10.69
CA ILE A 809 5.54 -19.32 9.48
C ILE A 809 4.46 -20.30 9.87
N MET A 810 3.36 -20.27 9.13
CA MET A 810 2.20 -21.06 9.43
C MET A 810 1.95 -21.99 8.25
N ILE A 811 1.23 -23.07 8.53
CA ILE A 811 0.81 -24.01 7.52
C ILE A 811 -0.64 -24.36 7.82
N THR A 812 -1.44 -24.56 6.77
CA THR A 812 -2.83 -24.97 6.94
C THR A 812 -2.92 -26.49 6.85
N GLU A 813 -4.07 -27.03 7.26
CA GLU A 813 -4.30 -28.47 7.25
C GLU A 813 -4.48 -29.05 5.85
N THR A 814 -4.47 -28.19 4.82
CA THR A 814 -4.42 -28.63 3.43
C THR A 814 -3.03 -28.32 2.86
N GLY A 815 -2.06 -28.13 3.74
CA GLY A 815 -0.66 -28.04 3.35
C GLY A 815 -0.16 -26.73 2.76
N ASN A 816 -0.92 -25.65 2.98
CA ASN A 816 -0.58 -24.33 2.45
C ASN A 816 0.33 -23.59 3.42
N LEU A 817 1.61 -23.51 3.09
CA LEU A 817 2.54 -22.72 3.91
C LEU A 817 2.28 -21.24 3.70
N PHE A 818 2.36 -20.45 4.78
CA PHE A 818 2.29 -19.00 4.65
C PHE A 818 2.97 -18.21 5.78
N HIS A 819 3.79 -17.24 5.39
CA HIS A 819 4.49 -16.39 6.36
C HIS A 819 3.57 -15.43 7.02
N ILE A 820 3.90 -15.01 8.24
CA ILE A 820 3.05 -14.07 8.98
C ILE A 820 3.87 -12.98 9.65
N ASP A 821 3.17 -12.05 10.28
CA ASP A 821 3.77 -11.05 11.16
C ASP A 821 4.99 -10.34 10.54
N PHE A 822 4.77 -9.74 9.38
CA PHE A 822 5.83 -9.07 8.63
C PHE A 822 6.23 -7.71 9.19
N GLY A 823 5.53 -7.24 10.21
CA GLY A 823 5.79 -5.93 10.80
C GLY A 823 7.11 -5.76 11.54
N HIS A 824 7.82 -6.86 11.77
CA HIS A 824 9.12 -6.81 12.43
C HIS A 824 10.20 -6.19 11.56
N ILE A 825 10.26 -6.65 10.31
CA ILE A 825 11.37 -6.40 9.41
C ILE A 825 10.92 -6.25 7.95
N LYS A 837 25.59 -13.85 14.45
CA LYS A 837 24.74 -14.96 14.01
C LYS A 837 24.51 -14.86 12.51
N GLU A 838 25.00 -15.86 11.77
CA GLU A 838 24.94 -15.85 10.30
C GLU A 838 23.54 -16.18 9.78
N ARG A 839 23.37 -15.96 8.47
CA ARG A 839 22.05 -15.81 7.87
C ARG A 839 21.67 -16.91 6.87
N VAL A 840 20.43 -16.80 6.39
CA VAL A 840 19.83 -17.71 5.43
C VAL A 840 18.93 -16.85 4.51
N PRO A 841 18.94 -17.12 3.19
CA PRO A 841 18.19 -16.24 2.29
C PRO A 841 16.68 -16.34 2.46
N PHE A 842 16.23 -17.51 2.91
CA PHE A 842 14.81 -17.76 3.25
C PHE A 842 14.69 -19.05 4.05
N VAL A 843 13.49 -19.34 4.55
CA VAL A 843 13.28 -20.52 5.38
C VAL A 843 12.86 -21.72 4.56
N LEU A 844 13.83 -22.59 4.25
CA LEU A 844 13.60 -23.90 3.64
C LEU A 844 14.32 -24.95 4.49
N THR A 845 13.73 -25.25 5.65
CA THR A 845 14.37 -26.06 6.70
C THR A 845 14.23 -27.58 6.44
N PRO A 846 15.10 -28.39 7.08
CA PRO A 846 15.09 -29.86 6.92
C PRO A 846 13.69 -30.51 6.94
N ASP A 847 12.79 -29.99 7.75
CA ASP A 847 11.41 -30.49 7.84
C ASP A 847 10.63 -30.20 6.56
N PHE A 848 10.78 -29.00 6.02
CA PHE A 848 10.13 -28.64 4.77
C PHE A 848 10.62 -29.63 3.72
N LEU A 849 11.93 -29.87 3.72
CA LEU A 849 12.52 -30.75 2.76
C LEU A 849 12.07 -32.21 2.97
N PHE A 850 11.79 -32.58 4.22
CA PHE A 850 11.31 -33.93 4.51
C PHE A 850 9.96 -34.23 3.84
N VAL A 851 9.10 -33.21 3.70
CA VAL A 851 7.84 -33.40 2.97
C VAL A 851 8.12 -33.69 1.50
N MET A 852 9.16 -33.04 0.98
CA MET A 852 9.54 -33.13 -0.43
C MET A 852 10.37 -34.39 -0.71
N GLY A 853 10.41 -35.31 0.26
CA GLY A 853 11.18 -36.54 0.13
C GLY A 853 12.65 -36.25 -0.13
N THR A 854 13.34 -35.67 0.84
CA THR A 854 14.77 -35.38 0.70
C THR A 854 15.43 -35.28 2.08
N SER A 855 16.72 -35.57 2.13
CA SER A 855 17.41 -35.83 3.39
C SER A 855 18.92 -35.63 3.25
N GLY A 856 19.43 -34.51 3.78
CA GLY A 856 20.84 -34.16 3.67
C GLY A 856 21.15 -33.64 2.28
N LYS A 857 21.58 -34.54 1.39
CA LYS A 857 21.72 -34.22 -0.03
C LYS A 857 21.13 -35.35 -0.90
N LYS A 858 20.01 -35.05 -1.55
CA LYS A 858 19.32 -35.99 -2.44
C LYS A 858 18.50 -35.19 -3.47
N THR A 859 17.75 -35.90 -4.32
CA THR A 859 16.76 -35.26 -5.20
C THR A 859 15.46 -36.09 -5.21
N SER A 860 14.37 -35.49 -5.67
CA SER A 860 13.07 -36.17 -5.69
C SER A 860 12.12 -35.53 -6.70
N PRO A 861 11.08 -36.27 -7.11
CA PRO A 861 10.01 -35.73 -7.97
C PRO A 861 9.30 -34.48 -7.43
N HIS A 862 9.61 -34.07 -6.20
CA HIS A 862 9.05 -32.85 -5.63
C HIS A 862 10.06 -31.77 -5.31
N PHE A 863 11.30 -32.16 -4.99
CA PHE A 863 12.40 -31.18 -4.82
C PHE A 863 12.87 -30.65 -6.17
N GLN A 864 12.86 -31.52 -7.19
CA GLN A 864 13.10 -31.11 -8.57
C GLN A 864 11.98 -30.19 -9.06
N LYS A 865 10.74 -30.45 -8.60
CA LYS A 865 9.60 -29.62 -8.95
C LYS A 865 9.65 -28.29 -8.22
N PHE A 866 10.00 -28.36 -6.93
CA PHE A 866 10.14 -27.17 -6.11
C PHE A 866 11.20 -26.23 -6.71
N GLN A 867 12.35 -26.80 -7.05
CA GLN A 867 13.43 -26.02 -7.68
C GLN A 867 12.91 -25.45 -8.99
N ASP A 868 12.38 -26.34 -9.84
CA ASP A 868 11.77 -25.97 -11.10
C ASP A 868 10.86 -24.76 -10.89
N ILE A 869 9.85 -24.93 -10.04
CA ILE A 869 8.87 -23.87 -9.78
C ILE A 869 9.50 -22.56 -9.28
N CYS A 870 10.32 -22.64 -8.22
CA CYS A 870 11.08 -21.49 -7.74
C CYS A 870 11.75 -20.68 -8.85
N VAL A 871 12.32 -21.36 -9.84
CA VAL A 871 13.01 -20.67 -10.94
C VAL A 871 12.01 -19.96 -11.85
N LYS A 872 10.95 -20.66 -12.25
CA LYS A 872 9.90 -20.05 -13.07
C LYS A 872 9.27 -18.86 -12.32
N ALA A 873 8.92 -19.12 -11.06
CA ALA A 873 8.41 -18.07 -10.20
C ALA A 873 9.34 -16.86 -10.19
N TYR A 874 10.65 -17.14 -10.07
CA TYR A 874 11.66 -16.09 -9.91
C TYR A 874 11.86 -15.31 -11.19
N LEU A 875 11.97 -16.02 -12.31
CA LEU A 875 12.12 -15.38 -13.62
C LEU A 875 10.86 -14.56 -13.97
N ALA A 876 9.68 -15.11 -13.67
CA ALA A 876 8.44 -14.39 -13.88
C ALA A 876 8.40 -13.06 -13.11
N LEU A 877 9.01 -13.01 -11.92
CA LEU A 877 9.10 -11.72 -11.21
C LEU A 877 10.07 -10.78 -11.94
N ARG A 878 11.18 -11.30 -12.43
CA ARG A 878 12.21 -10.49 -13.11
C ARG A 878 11.70 -9.86 -14.41
N HIS A 879 10.70 -10.49 -15.04
CA HIS A 879 10.05 -9.88 -16.20
C HIS A 879 9.25 -8.66 -15.80
N HIS A 880 9.25 -8.35 -14.51
CA HIS A 880 8.71 -7.10 -14.03
C HIS A 880 9.69 -6.49 -13.05
N THR A 881 10.98 -6.61 -13.37
CA THR A 881 12.02 -5.99 -12.57
C THR A 881 11.64 -4.57 -12.13
N ASN A 882 11.41 -3.67 -13.08
CA ASN A 882 11.11 -2.26 -12.78
C ASN A 882 9.91 -2.03 -11.84
N LEU A 883 8.80 -2.68 -12.16
CA LEU A 883 7.56 -2.53 -11.39
C LEU A 883 7.78 -2.88 -9.92
N LEU A 884 8.50 -3.99 -9.69
CA LEU A 884 8.85 -4.42 -8.35
C LEU A 884 9.85 -3.46 -7.72
N ILE A 885 10.80 -2.96 -8.51
CA ILE A 885 11.78 -2.03 -7.94
C ILE A 885 11.09 -0.77 -7.41
N ILE A 886 10.11 -0.26 -8.13
CA ILE A 886 9.38 0.94 -7.72
C ILE A 886 8.51 0.70 -6.49
N LEU A 887 7.81 -0.42 -6.48
CA LEU A 887 6.91 -0.72 -5.38
C LEU A 887 7.71 -0.85 -4.08
N PHE A 888 8.79 -1.61 -4.17
CA PHE A 888 9.73 -1.81 -3.06
C PHE A 888 10.34 -0.47 -2.64
N SER A 889 10.85 0.26 -3.62
CA SER A 889 11.36 1.60 -3.39
C SER A 889 10.33 2.40 -2.57
N MET A 890 9.07 2.37 -3.01
CA MET A 890 8.03 3.24 -2.42
C MET A 890 7.57 2.76 -1.03
N MET A 891 7.53 1.44 -0.85
CA MET A 891 7.19 0.83 0.42
C MET A 891 8.12 1.34 1.51
N LEU A 892 9.42 1.23 1.25
CA LEU A 892 10.40 1.65 2.21
C LEU A 892 10.24 3.12 2.53
N MET A 893 10.03 3.97 1.52
CA MET A 893 9.98 5.44 1.75
C MET A 893 8.74 5.94 2.49
N THR A 894 7.64 5.22 2.32
CA THR A 894 6.32 5.63 2.79
C THR A 894 5.86 4.77 3.96
N GLY A 895 6.46 3.59 4.14
CA GLY A 895 5.99 2.64 5.15
C GLY A 895 6.99 2.21 6.22
N MET A 896 8.28 2.25 5.89
CA MET A 896 9.32 1.87 6.83
C MET A 896 10.24 3.05 7.10
N PRO A 897 9.81 3.98 7.98
CA PRO A 897 10.72 4.99 8.54
C PRO A 897 11.94 4.39 9.28
N GLN A 898 12.90 3.88 8.50
CA GLN A 898 14.17 3.32 9.03
C GLN A 898 15.36 4.11 8.48
N LEU A 899 15.17 5.43 8.38
CA LEU A 899 16.13 6.33 7.75
C LEU A 899 16.68 5.66 6.49
N THR A 900 15.77 5.17 5.64
CA THR A 900 16.14 4.31 4.51
C THR A 900 17.16 4.98 3.61
N SER A 901 18.17 4.19 3.24
CA SER A 901 19.29 4.65 2.43
C SER A 901 19.17 4.10 1.01
N LYS A 902 20.10 4.50 0.15
CA LYS A 902 20.32 3.82 -1.13
C LYS A 902 20.67 2.36 -0.88
N GLU A 903 21.52 2.11 0.11
CA GLU A 903 21.90 0.76 0.52
C GLU A 903 20.67 -0.15 0.55
N ASP A 904 19.69 0.25 1.36
CA ASP A 904 18.54 -0.59 1.65
C ASP A 904 17.70 -0.85 0.41
N ILE A 905 17.47 0.21 -0.36
CA ILE A 905 16.61 0.12 -1.54
C ILE A 905 17.27 -0.75 -2.61
N GLU A 906 18.58 -0.64 -2.71
CA GLU A 906 19.32 -1.39 -3.73
C GLU A 906 19.51 -2.86 -3.39
N TYR A 907 18.85 -3.34 -2.32
CA TYR A 907 18.85 -4.77 -2.03
C TYR A 907 18.10 -5.51 -3.13
N ILE A 908 16.94 -4.99 -3.51
CA ILE A 908 16.04 -5.71 -4.41
C ILE A 908 16.65 -5.87 -5.80
N ARG A 909 17.52 -4.94 -6.20
CA ARG A 909 18.23 -5.05 -7.46
C ARG A 909 19.07 -6.31 -7.44
N ASP A 910 19.87 -6.46 -6.39
CA ASP A 910 20.73 -7.62 -6.25
C ASP A 910 19.85 -8.87 -6.17
N ALA A 911 18.80 -8.80 -5.36
CA ALA A 911 17.83 -9.89 -5.24
C ALA A 911 17.22 -10.31 -6.59
N LEU A 912 16.90 -9.36 -7.45
CA LEU A 912 16.36 -9.69 -8.76
C LEU A 912 17.49 -9.83 -9.78
N THR A 913 18.73 -9.91 -9.27
CA THR A 913 19.94 -10.04 -10.08
C THR A 913 19.82 -9.29 -11.40
N VAL A 914 19.54 -8.00 -11.29
CA VAL A 914 19.33 -7.12 -12.43
C VAL A 914 20.48 -7.26 -13.42
N GLY A 915 20.18 -7.16 -14.70
CA GLY A 915 21.19 -7.18 -15.75
C GLY A 915 21.57 -8.58 -16.19
N LYS A 916 21.76 -9.50 -15.26
CA LYS A 916 22.14 -10.88 -15.57
C LYS A 916 21.15 -11.48 -16.56
N ASN A 917 21.63 -12.38 -17.42
CA ASN A 917 20.75 -13.19 -18.26
C ASN A 917 20.06 -14.26 -17.43
N GLU A 918 19.08 -14.93 -18.02
CA GLU A 918 18.25 -15.85 -17.27
C GLU A 918 19.03 -17.09 -16.79
N GLU A 919 20.11 -17.46 -17.48
CA GLU A 919 20.95 -18.58 -17.06
C GLU A 919 21.58 -18.29 -15.69
N ASP A 920 22.30 -17.18 -15.61
CA ASP A 920 22.97 -16.76 -14.37
C ASP A 920 21.98 -16.50 -13.23
N ALA A 921 20.80 -15.99 -13.56
CA ALA A 921 19.72 -15.79 -12.59
C ALA A 921 19.19 -17.11 -12.07
N LYS A 922 18.80 -17.99 -12.98
CA LYS A 922 18.38 -19.37 -12.65
C LYS A 922 19.40 -20.05 -11.72
N LYS A 923 20.68 -19.91 -12.04
CA LYS A 923 21.78 -20.49 -11.26
C LYS A 923 21.98 -19.82 -9.90
N TYR A 924 21.79 -18.50 -9.87
CA TYR A 924 21.88 -17.71 -8.63
C TYR A 924 20.89 -18.18 -7.60
N PHE A 925 19.64 -18.37 -8.03
CA PHE A 925 18.61 -18.72 -7.08
C PHE A 925 18.85 -20.12 -6.51
N LEU A 926 19.30 -21.04 -7.35
CA LEU A 926 19.57 -22.41 -6.91
C LEU A 926 20.73 -22.48 -5.92
N ASP A 927 21.69 -21.56 -6.00
CA ASP A 927 22.70 -21.37 -4.94
C ASP A 927 22.00 -21.05 -3.63
N GLN A 928 21.08 -20.09 -3.65
CA GLN A 928 20.34 -19.74 -2.45
C GLN A 928 19.64 -20.98 -1.89
N ILE A 929 18.91 -21.71 -2.73
CA ILE A 929 18.26 -22.95 -2.29
C ILE A 929 19.26 -23.80 -1.51
N GLU A 930 20.47 -23.93 -2.05
CA GLU A 930 21.51 -24.75 -1.44
C GLU A 930 22.14 -24.15 -0.18
N VAL A 931 22.23 -22.82 -0.10
CA VAL A 931 22.77 -22.17 1.11
C VAL A 931 21.97 -22.67 2.30
N CYS A 932 20.65 -22.68 2.15
CA CYS A 932 19.72 -23.19 3.15
C CYS A 932 19.93 -24.68 3.44
N ARG A 933 20.10 -25.48 2.40
CA ARG A 933 20.36 -26.91 2.56
C ARG A 933 21.58 -27.08 3.44
N ASP A 934 22.64 -26.37 3.08
CA ASP A 934 23.90 -26.46 3.79
C ASP A 934 23.80 -26.07 5.28
N LYS A 935 22.90 -25.15 5.60
CA LYS A 935 22.82 -24.55 6.94
C LYS A 935 21.86 -25.27 7.91
N GLY A 936 20.77 -25.83 7.39
CA GLY A 936 19.80 -26.60 8.19
C GLY A 936 19.08 -25.83 9.30
N TRP A 937 19.35 -26.24 10.53
CA TRP A 937 18.68 -25.68 11.69
C TRP A 937 19.44 -24.57 12.35
N THR A 938 20.63 -24.25 11.85
CA THR A 938 21.52 -23.29 12.51
C THR A 938 20.85 -21.95 12.88
N VAL A 939 20.19 -21.31 11.92
CA VAL A 939 19.51 -20.04 12.22
C VAL A 939 18.37 -20.23 13.22
N GLN A 940 17.58 -21.28 13.02
CA GLN A 940 16.43 -21.55 13.89
C GLN A 940 16.88 -21.82 15.34
N PHE A 941 17.80 -22.77 15.50
CA PHE A 941 18.37 -23.07 16.82
C PHE A 941 18.98 -21.80 17.46
N ASN A 942 19.56 -20.92 16.63
CA ASN A 942 20.23 -19.69 17.11
C ASN A 942 19.29 -18.61 17.69
N TRP A 943 17.99 -18.75 17.46
CA TRP A 943 17.00 -17.85 18.05
C TRP A 943 16.99 -17.92 19.56
N PHE A 944 17.02 -19.13 20.09
CA PHE A 944 16.77 -19.34 21.53
C PHE A 944 17.89 -18.80 22.41
N LEU A 945 19.09 -18.67 21.83
CA LEU A 945 20.20 -17.99 22.50
C LEU A 945 19.99 -16.48 22.43
S SO4 B . -9.83 -16.96 -21.66
O1 SO4 B . -9.14 -17.74 -20.62
O2 SO4 B . -10.94 -16.18 -21.06
O3 SO4 B . -10.37 -17.88 -22.69
O4 SO4 B . -8.85 -16.05 -22.29
S SO4 C . 19.00 22.84 -25.43
O1 SO4 C . 20.00 23.89 -25.65
O2 SO4 C . 18.30 23.12 -24.14
O3 SO4 C . 17.99 22.83 -26.52
O4 SO4 C . 19.73 21.53 -25.42
C19 3VC D . -2.34 -15.49 12.06
N5 3VC D . -1.63 -14.45 11.62
C21 3VC D . -2.26 -13.91 10.59
N6 3VC D . -3.38 -14.60 10.36
C20 3VC D . -3.45 -15.59 11.24
N4 3VC D . -4.34 -16.56 11.44
C17 3VC D . -4.14 -17.42 12.44
N3 3VC D . -3.08 -17.35 13.25
C18 3VC D . -2.15 -16.40 13.10
N7 3VC D . -1.08 -16.31 13.92
C10 3VC D . -0.73 -17.21 15.04
C11 3VC D . 0.69 -16.85 15.48
C1 3VC D . -1.62 -17.01 16.26
C5 3VC D . -1.98 -15.71 16.63
C4 3VC D . -2.79 -15.55 17.75
C9 3VC D . -3.19 -14.28 18.12
C8 3VC D . -4.01 -14.11 19.23
C7 3VC D . -4.42 -15.21 19.99
F1 3VC D . -5.21 -15.00 21.05
C6 3VC D . -4.02 -16.49 19.62
C3 3VC D . -3.21 -16.66 18.50
N1 3VC D . -2.84 -17.89 18.14
C2 3VC D . -2.07 -18.08 17.07
C12 3VC D . -1.75 -19.40 16.80
C13 3VC D . -0.55 -19.95 17.27
C14 3VC D . -0.29 -21.28 17.01
C15 3VC D . -1.23 -22.03 16.30
C16 3VC D . -2.42 -21.42 15.88
N2 3VC D . -2.66 -20.16 16.14
#